data_5B2C
#
_entry.id   5B2C
#
_cell.length_a   137.523
_cell.length_b   137.523
_cell.length_c   178.269
_cell.angle_alpha   90.00
_cell.angle_beta   90.00
_cell.angle_gamma   120.00
#
_symmetry.space_group_name_H-M   'P 61'
#
loop_
_entity.id
_entity.type
_entity.pdbx_description
1 polymer 'HN protein'
2 non-polymer 2-acetamido-2-deoxy-beta-D-glucopyranose
3 non-polymer 'SULFATE ION'
4 water water
#
_entity_poly.entity_id   1
_entity_poly.type   'polypeptide(L)'
_entity_poly.pdbx_seq_one_letter_code
;ETGGNQNQLLSTLATIRTGKKQVSNCSTNIPLVNDLRFINGINKFIIEDYATHDFSIGHPLNMPSFIPTATSPNGCTRIP
SFSLGKTHWCYTHNVINANCKDHTSSNQYISMGILVQTASGYPMFKTLKIQYLSDGLNRKSCSIATVPDGCAMYCYVSTQ
LETDDYAGSSPPTQKLTLLFYNDTVTERTISPTGLEGNWATLVPGVGSGIYFENKLIFPAYGGVLPNSTLGVKSAREFFR
PVNPYNPCSGPQQDLDQRALRSYFPSYFSNRRVQSAFLVCAWNQILVTNCELVVPSNNQTLMGAEGRVLLINNRLLYYQR
STSWWPYELLYEISFTFTNSGQSSVNMSWIPIYSFTRPGSGNCSGENVCPTACVSGVYLDPWPLTPYSHQSGINRNFYFT
GALLNSSTTRVNPTLYVSALNNLKVLAPYGNQGLFASYTTTTCFQDTGDASVYCVYIMELASNIVGEFQILPVLTRLTIT
GTKHHHHHH
;
_entity_poly.pdbx_strand_id   A,B
#
loop_
_chem_comp.id
_chem_comp.type
_chem_comp.name
_chem_comp.formula
NAG D-saccharide, beta linking 2-acetamido-2-deoxy-beta-D-glucopyranose 'C8 H15 N O6'
SO4 non-polymer 'SULFATE ION' 'O4 S -2'
#
# COMPACT_ATOMS: atom_id res chain seq x y z
N PRO A 31 -6.22 13.12 18.14
CA PRO A 31 -6.51 11.94 18.97
C PRO A 31 -6.72 10.68 18.15
N LEU A 32 -6.73 9.53 18.81
CA LEU A 32 -7.02 8.28 18.15
C LEU A 32 -8.50 7.97 18.33
N VAL A 33 -9.31 8.45 17.40
CA VAL A 33 -10.75 8.26 17.50
C VAL A 33 -11.41 8.38 16.14
N ASN A 34 -12.36 7.50 15.87
CA ASN A 34 -13.08 7.50 14.61
C ASN A 34 -13.94 8.73 14.47
N ASP A 35 -14.27 9.07 13.23
CA ASP A 35 -15.26 10.10 12.92
C ASP A 35 -16.55 9.74 13.66
N LEU A 36 -17.22 10.76 14.22
CA LEU A 36 -18.35 10.55 15.12
C LEU A 36 -19.52 9.80 14.48
N ARG A 37 -19.63 9.82 13.16
CA ARG A 37 -20.72 9.14 12.50
C ARG A 37 -20.56 7.63 12.52
N PHE A 38 -19.36 7.15 12.82
CA PHE A 38 -19.11 5.70 12.85
C PHE A 38 -19.01 5.09 14.24
N ILE A 39 -18.89 5.92 15.27
CA ILE A 39 -18.55 5.39 16.59
C ILE A 39 -19.68 4.57 17.21
N ASN A 40 -20.92 4.93 16.89
CA ASN A 40 -22.08 4.19 17.40
C ASN A 40 -22.62 3.20 16.39
N GLY A 41 -21.98 3.10 15.24
CA GLY A 41 -22.40 2.16 14.21
C GLY A 41 -21.47 0.96 14.04
N ILE A 42 -20.58 0.76 15.01
CA ILE A 42 -19.58 -0.30 14.96
C ILE A 42 -19.91 -1.42 15.96
N ASN A 43 -19.74 -2.67 15.53
CA ASN A 43 -20.03 -3.85 16.35
C ASN A 43 -21.49 -3.87 16.80
N LYS A 44 -22.38 -3.57 15.85
CA LYS A 44 -23.81 -3.60 16.09
C LYS A 44 -24.45 -4.56 15.08
N PHE A 45 -25.59 -5.12 15.44
CA PHE A 45 -26.38 -5.87 14.46
C PHE A 45 -27.10 -4.86 13.59
N ILE A 46 -26.81 -4.89 12.29
CA ILE A 46 -27.33 -3.89 11.37
C ILE A 46 -28.82 -4.11 11.09
N ILE A 47 -29.22 -5.38 11.01
CA ILE A 47 -30.63 -5.71 10.81
C ILE A 47 -31.21 -6.42 12.04
N GLU A 48 -32.03 -5.69 12.80
CA GLU A 48 -32.70 -6.24 13.96
C GLU A 48 -34.13 -6.67 13.63
N ASP A 49 -34.47 -6.54 12.34
CA ASP A 49 -35.83 -6.75 11.85
C ASP A 49 -36.40 -8.14 12.13
N TYR A 50 -35.55 -9.16 12.02
CA TYR A 50 -35.95 -10.58 12.06
C TYR A 50 -36.75 -10.95 10.82
N ALA A 51 -36.97 -9.99 9.93
CA ALA A 51 -37.74 -10.22 8.72
C ALA A 51 -36.86 -10.56 7.53
N THR A 52 -37.48 -10.85 6.39
CA THR A 52 -36.77 -11.18 5.17
C THR A 52 -36.28 -9.91 4.49
N HIS A 53 -35.13 -10.00 3.83
CA HIS A 53 -34.58 -8.85 3.13
C HIS A 53 -33.90 -9.26 1.83
N ASP A 54 -33.80 -8.31 0.91
CA ASP A 54 -33.04 -8.50 -0.31
C ASP A 54 -31.80 -7.60 -0.25
N PHE A 55 -30.73 -8.03 -0.91
CA PHE A 55 -29.45 -7.33 -0.80
C PHE A 55 -28.84 -7.00 -2.15
N SER A 56 -28.08 -5.92 -2.18
CA SER A 56 -27.28 -5.57 -3.34
C SER A 56 -25.92 -5.09 -2.89
N ILE A 57 -24.87 -5.65 -3.48
CA ILE A 57 -23.50 -5.29 -3.13
C ILE A 57 -22.93 -4.24 -4.09
N GLY A 58 -22.62 -3.07 -3.53
CA GLY A 58 -22.11 -1.95 -4.33
C GLY A 58 -20.75 -2.21 -4.95
N HIS A 59 -20.36 -1.32 -5.86
CA HIS A 59 -19.04 -1.40 -6.48
C HIS A 59 -17.98 -0.91 -5.50
N PRO A 60 -16.74 -1.41 -5.64
CA PRO A 60 -15.64 -1.00 -4.77
C PRO A 60 -15.39 0.50 -4.81
N LEU A 61 -15.28 1.10 -3.62
CA LEU A 61 -15.04 2.54 -3.49
C LEU A 61 -13.54 2.80 -3.39
N ASN A 62 -13.04 3.69 -4.25
CA ASN A 62 -11.60 3.91 -4.32
C ASN A 62 -11.08 4.83 -3.22
N MET A 63 -9.99 4.41 -2.61
CA MET A 63 -9.29 5.20 -1.61
C MET A 63 -7.83 4.75 -1.57
N PRO A 64 -6.96 5.49 -0.86
CA PRO A 64 -5.63 4.92 -0.66
C PRO A 64 -5.68 3.73 0.27
N SER A 65 -5.12 2.61 -0.15
CA SER A 65 -5.19 1.39 0.62
C SER A 65 -4.32 1.50 1.86
N PHE A 66 -4.88 1.10 3.01
CA PHE A 66 -4.14 1.17 4.26
C PHE A 66 -3.33 -0.11 4.50
N ILE A 67 -3.45 -1.06 3.57
CA ILE A 67 -2.66 -2.28 3.65
C ILE A 67 -1.52 -2.23 2.64
N PRO A 68 -0.28 -2.16 3.14
CA PRO A 68 0.90 -2.06 2.29
C PRO A 68 1.13 -3.33 1.51
N THR A 69 1.63 -3.18 0.29
CA THR A 69 1.92 -4.34 -0.54
C THR A 69 3.41 -4.69 -0.44
N ALA A 70 3.83 -5.76 -1.10
CA ALA A 70 5.24 -6.12 -1.18
C ALA A 70 5.93 -5.21 -2.19
N THR A 71 7.24 -5.00 -2.01
CA THR A 71 8.02 -4.20 -2.94
C THR A 71 8.83 -5.03 -3.93
N SER A 72 8.66 -6.36 -3.87
CA SER A 72 9.36 -7.27 -4.76
C SER A 72 8.39 -8.24 -5.41
N PRO A 73 8.75 -8.78 -6.59
CA PRO A 73 7.91 -9.77 -7.28
C PRO A 73 7.85 -11.12 -6.55
N ASN A 74 8.92 -11.50 -5.86
CA ASN A 74 8.96 -12.78 -5.14
C ASN A 74 8.73 -12.68 -3.62
N GLY A 75 8.60 -11.46 -3.10
CA GLY A 75 8.44 -11.26 -1.67
C GLY A 75 7.07 -11.66 -1.15
N CYS A 76 7.03 -12.23 0.05
CA CYS A 76 5.79 -12.74 0.61
C CYS A 76 5.11 -11.74 1.55
N THR A 77 3.81 -11.53 1.36
CA THR A 77 3.01 -10.83 2.37
C THR A 77 1.70 -11.58 2.56
N ARG A 78 1.50 -12.13 3.75
CA ARG A 78 0.34 -12.99 4.00
C ARG A 78 -0.24 -12.87 5.40
N ILE A 79 -1.33 -13.60 5.63
CA ILE A 79 -1.95 -13.77 6.95
C ILE A 79 -2.40 -12.46 7.61
N PRO A 80 -3.46 -11.84 7.05
CA PRO A 80 -3.99 -10.59 7.60
C PRO A 80 -4.83 -10.79 8.85
N SER A 81 -4.75 -9.83 9.77
CA SER A 81 -5.60 -9.83 10.94
C SER A 81 -6.10 -8.41 11.14
N PHE A 82 -7.41 -8.23 11.24
CA PHE A 82 -7.99 -6.91 11.30
C PHE A 82 -9.10 -6.80 12.33
N SER A 83 -9.08 -5.72 13.11
CA SER A 83 -10.15 -5.46 14.07
C SER A 83 -10.55 -4.00 14.05
N LEU A 84 -11.82 -3.75 13.81
CA LEU A 84 -12.37 -2.40 13.91
C LEU A 84 -13.08 -2.24 15.23
N GLY A 85 -12.51 -1.42 16.10
CA GLY A 85 -13.10 -1.14 17.39
C GLY A 85 -13.91 0.14 17.33
N LYS A 86 -14.52 0.50 18.45
CA LYS A 86 -15.37 1.68 18.53
C LYS A 86 -14.62 2.95 18.17
N THR A 87 -13.48 3.17 18.82
CA THR A 87 -12.70 4.37 18.59
C THR A 87 -11.63 4.27 17.50
N HIS A 88 -11.19 3.06 17.18
CA HIS A 88 -10.14 2.92 16.16
C HIS A 88 -9.97 1.49 15.68
N TRP A 89 -9.13 1.30 14.67
CA TRP A 89 -8.87 -0.03 14.14
C TRP A 89 -7.40 -0.41 14.25
N CYS A 90 -7.19 -1.72 14.30
CA CYS A 90 -5.86 -2.34 14.32
C CYS A 90 -5.72 -3.35 13.19
N TYR A 91 -4.54 -3.42 12.60
CA TYR A 91 -4.27 -4.36 11.52
C TYR A 91 -2.85 -4.94 11.59
N THR A 92 -2.69 -6.19 11.18
CA THR A 92 -1.36 -6.77 11.04
C THR A 92 -1.25 -7.82 9.93
N HIS A 93 -0.07 -7.95 9.34
CA HIS A 93 0.21 -9.10 8.48
C HIS A 93 1.70 -9.43 8.43
N ASN A 94 2.01 -10.61 7.93
CA ASN A 94 3.37 -11.14 7.90
C ASN A 94 4.09 -10.84 6.59
N VAL A 95 5.33 -10.40 6.70
CA VAL A 95 6.16 -10.04 5.56
C VAL A 95 7.45 -10.86 5.53
N ILE A 96 7.71 -11.52 4.41
CA ILE A 96 8.92 -12.31 4.24
C ILE A 96 9.72 -11.82 3.04
N ASN A 97 11.03 -11.71 3.21
CA ASN A 97 11.92 -11.26 2.14
C ASN A 97 12.27 -12.40 1.19
N ALA A 98 11.67 -13.57 1.43
CA ALA A 98 11.91 -14.72 0.57
C ALA A 98 10.59 -15.31 0.07
N ASN A 99 10.69 -16.47 -0.58
CA ASN A 99 9.52 -17.22 -1.01
C ASN A 99 8.60 -17.55 0.16
N CYS A 100 7.30 -17.57 -0.08
CA CYS A 100 6.33 -17.89 0.96
C CYS A 100 6.54 -19.30 1.50
N LYS A 101 7.05 -20.20 0.66
CA LYS A 101 7.29 -21.57 1.07
C LYS A 101 8.58 -21.68 1.89
N ASP A 102 9.42 -20.66 1.80
CA ASP A 102 10.66 -20.62 2.56
C ASP A 102 10.44 -19.93 3.89
N HIS A 103 10.47 -20.70 4.98
CA HIS A 103 10.26 -20.13 6.30
C HIS A 103 11.48 -20.22 7.20
N THR A 104 12.16 -19.10 7.35
CA THR A 104 13.25 -18.94 8.30
C THR A 104 13.00 -17.62 9.03
N SER A 105 12.94 -16.55 8.24
CA SER A 105 12.73 -15.21 8.76
C SER A 105 11.38 -14.66 8.35
N SER A 106 10.81 -13.82 9.22
CA SER A 106 9.66 -13.00 8.85
C SER A 106 9.60 -11.76 9.73
N ASN A 107 8.88 -10.76 9.26
CA ASN A 107 8.65 -9.54 10.02
C ASN A 107 7.16 -9.30 10.09
N GLN A 108 6.73 -8.48 11.05
CA GLN A 108 5.30 -8.29 11.22
C GLN A 108 4.94 -6.82 11.07
N TYR A 109 4.15 -6.51 10.04
CA TYR A 109 3.65 -5.16 9.85
C TYR A 109 2.40 -4.96 10.70
N ILE A 110 2.45 -3.96 11.57
CA ILE A 110 1.33 -3.63 12.44
C ILE A 110 0.98 -2.16 12.27
N SER A 111 -0.30 -1.85 12.20
CA SER A 111 -0.71 -0.45 12.11
C SER A 111 -2.03 -0.22 12.84
N MET A 112 -2.24 1.03 13.24
CA MET A 112 -3.48 1.42 13.88
C MET A 112 -3.94 2.76 13.30
N GLY A 113 -5.26 2.94 13.24
CA GLY A 113 -5.79 4.14 12.63
C GLY A 113 -7.27 4.38 12.89
N ILE A 114 -7.85 5.32 12.13
CA ILE A 114 -9.23 5.73 12.34
C ILE A 114 -10.03 5.75 11.05
N LEU A 115 -11.36 5.79 11.20
CA LEU A 115 -12.25 6.02 10.09
C LEU A 115 -12.49 7.51 9.89
N VAL A 116 -12.30 7.98 8.67
CA VAL A 116 -12.48 9.39 8.34
C VAL A 116 -13.30 9.54 7.08
N GLN A 117 -14.34 10.38 7.13
CA GLN A 117 -15.17 10.65 5.95
C GLN A 117 -14.41 11.51 4.94
N THR A 118 -14.58 11.19 3.66
CA THR A 118 -13.95 11.95 2.59
C THR A 118 -15.00 12.63 1.72
N ALA A 119 -14.58 13.65 0.98
CA ALA A 119 -15.49 14.38 0.09
C ALA A 119 -16.02 13.49 -1.04
N SER A 120 -15.39 12.33 -1.21
CA SER A 120 -15.82 11.35 -2.20
C SER A 120 -17.16 10.72 -1.82
N GLY A 121 -17.57 10.91 -0.57
CA GLY A 121 -18.87 10.46 -0.13
C GLY A 121 -18.84 9.18 0.70
N TYR A 122 -17.64 8.72 1.02
CA TYR A 122 -17.49 7.50 1.80
C TYR A 122 -16.26 7.57 2.70
N PRO A 123 -16.27 6.80 3.80
CA PRO A 123 -15.12 6.81 4.70
C PRO A 123 -13.87 6.19 4.10
N MET A 124 -12.74 6.49 4.73
CA MET A 124 -11.46 5.97 4.30
C MET A 124 -10.69 5.60 5.57
N PHE A 125 -9.84 4.58 5.47
CA PHE A 125 -9.06 4.16 6.63
C PHE A 125 -7.76 4.94 6.70
N LYS A 126 -7.64 5.79 7.70
CA LYS A 126 -6.47 6.65 7.83
C LYS A 126 -5.51 6.08 8.87
N THR A 127 -4.32 5.70 8.42
CA THR A 127 -3.31 5.16 9.30
C THR A 127 -2.70 6.27 10.14
N LEU A 128 -2.72 6.07 11.45
CA LEU A 128 -2.14 7.01 12.39
C LEU A 128 -0.78 6.51 12.87
N LYS A 129 -0.75 5.30 13.43
CA LYS A 129 0.52 4.77 13.93
C LYS A 129 0.99 3.50 13.18
N ILE A 130 2.28 3.42 12.87
CA ILE A 130 2.87 2.24 12.21
C ILE A 130 4.01 1.64 13.03
N GLN A 131 3.98 0.33 13.20
CA GLN A 131 5.08 -0.38 13.83
C GLN A 131 5.46 -1.60 12.98
N TYR A 132 6.69 -1.60 12.48
CA TYR A 132 7.19 -2.74 11.73
C TYR A 132 8.16 -3.54 12.60
N LEU A 133 7.73 -4.72 13.03
CA LEU A 133 8.59 -5.52 13.88
C LEU A 133 9.48 -6.37 13.03
N SER A 134 10.73 -5.92 12.93
CA SER A 134 11.81 -6.69 12.35
C SER A 134 13.00 -6.66 13.31
N ASP A 135 13.05 -7.64 14.21
CA ASP A 135 14.20 -7.80 15.09
C ASP A 135 14.95 -9.10 14.79
N GLY A 136 14.42 -9.89 13.86
CA GLY A 136 14.97 -11.20 13.57
C GLY A 136 14.22 -12.32 14.26
N LEU A 137 13.30 -11.96 15.16
CA LEU A 137 12.46 -12.96 15.80
C LEU A 137 11.35 -13.35 14.84
N ASN A 138 11.12 -14.66 14.69
CA ASN A 138 10.15 -15.12 13.72
C ASN A 138 8.78 -15.30 14.36
N ARG A 139 7.91 -14.32 14.17
CA ARG A 139 6.61 -14.31 14.80
C ARG A 139 5.58 -14.58 13.72
N LYS A 140 4.72 -15.57 13.96
CA LYS A 140 3.77 -15.99 12.94
C LYS A 140 2.42 -16.37 13.50
N SER A 141 1.44 -16.46 12.60
CA SER A 141 0.06 -16.79 12.93
C SER A 141 -0.54 -15.76 13.89
N CYS A 142 -0.05 -14.52 13.81
CA CYS A 142 -0.41 -13.46 14.76
C CYS A 142 -1.86 -13.00 14.68
N SER A 143 -2.50 -12.90 15.84
CA SER A 143 -3.84 -12.30 15.95
C SER A 143 -3.74 -10.91 16.56
N ILE A 144 -4.57 -9.98 16.09
CA ILE A 144 -4.57 -8.63 16.65
C ILE A 144 -5.90 -8.30 17.31
N ALA A 145 -5.88 -7.38 18.27
CA ALA A 145 -7.09 -6.97 18.97
C ALA A 145 -7.01 -5.48 19.30
N THR A 146 -8.14 -4.79 19.15
CA THR A 146 -8.20 -3.39 19.50
C THR A 146 -8.34 -3.25 21.02
N VAL A 147 -7.39 -2.55 21.63
CA VAL A 147 -7.38 -2.35 23.06
C VAL A 147 -7.30 -0.84 23.34
N PRO A 148 -7.59 -0.42 24.59
CA PRO A 148 -7.59 1.03 24.88
C PRO A 148 -6.28 1.71 24.47
N ASP A 149 -6.41 2.76 23.68
CA ASP A 149 -5.27 3.53 23.17
C ASP A 149 -4.25 2.70 22.40
N GLY A 150 -4.69 1.61 21.76
CA GLY A 150 -3.76 0.82 20.99
C GLY A 150 -4.21 -0.56 20.53
N CYS A 151 -3.24 -1.43 20.32
CA CYS A 151 -3.47 -2.78 19.84
C CYS A 151 -2.72 -3.81 20.69
N ALA A 152 -3.27 -5.01 20.75
CA ALA A 152 -2.58 -6.14 21.36
C ALA A 152 -2.42 -7.24 20.32
N MET A 153 -1.27 -7.89 20.30
CA MET A 153 -1.01 -8.93 19.33
C MET A 153 -0.52 -10.20 20.01
N TYR A 154 -1.10 -11.33 19.60
CA TYR A 154 -0.76 -12.65 20.11
C TYR A 154 -0.05 -13.44 19.02
N CYS A 155 1.18 -13.83 19.28
CA CYS A 155 2.01 -14.53 18.30
C CYS A 155 2.64 -15.78 18.89
N TYR A 156 3.23 -16.61 18.04
CA TYR A 156 4.12 -17.66 18.51
C TYR A 156 5.39 -17.58 17.68
N VAL A 157 6.50 -18.06 18.23
CA VAL A 157 7.77 -18.04 17.51
C VAL A 157 8.02 -19.37 16.83
N SER A 158 8.13 -19.35 15.50
CA SER A 158 8.25 -20.56 14.71
C SER A 158 9.71 -20.93 14.46
N THR A 159 10.18 -21.98 15.11
CA THR A 159 11.55 -22.45 14.91
C THR A 159 11.63 -23.71 14.04
N GLN A 160 10.49 -24.24 13.64
CA GLN A 160 10.47 -25.50 12.90
C GLN A 160 9.17 -25.71 12.13
N LEU A 161 9.09 -26.83 11.42
CA LEU A 161 7.90 -27.21 10.66
C LEU A 161 6.71 -27.45 11.58
N GLU A 162 5.51 -27.14 11.08
CA GLU A 162 4.29 -27.35 11.85
C GLU A 162 4.10 -28.82 12.22
N THR A 163 4.49 -29.71 11.31
CA THR A 163 4.40 -31.14 11.57
C THR A 163 5.40 -31.58 12.64
N ASP A 164 6.57 -30.94 12.65
CA ASP A 164 7.54 -31.17 13.72
C ASP A 164 7.00 -30.63 15.03
N ASP A 165 6.29 -29.51 14.94
CA ASP A 165 5.66 -28.88 16.09
C ASP A 165 4.67 -29.84 16.74
N TYR A 166 3.76 -30.39 15.95
CA TYR A 166 2.79 -31.35 16.45
C TYR A 166 3.45 -32.66 16.89
N ALA A 167 4.58 -32.99 16.26
CA ALA A 167 5.32 -34.20 16.59
C ALA A 167 5.98 -34.07 17.96
N GLY A 168 6.44 -32.86 18.28
CA GLY A 168 7.13 -32.61 19.53
C GLY A 168 6.23 -32.74 20.74
N SER A 169 6.85 -32.79 21.93
CA SER A 169 6.11 -32.90 23.18
C SER A 169 5.95 -31.55 23.87
N SER A 170 6.54 -30.51 23.30
CA SER A 170 6.51 -29.20 23.92
C SER A 170 6.10 -28.09 22.94
N PRO A 171 5.28 -27.14 23.40
CA PRO A 171 4.77 -26.03 22.59
C PRO A 171 5.84 -24.97 22.31
N PRO A 172 5.69 -24.23 21.20
CA PRO A 172 6.61 -23.16 20.87
C PRO A 172 6.42 -21.97 21.79
N THR A 173 7.25 -20.95 21.65
CA THR A 173 7.17 -19.78 22.52
C THR A 173 5.95 -18.93 22.17
N GLN A 174 5.15 -18.63 23.19
CA GLN A 174 3.98 -17.78 23.04
C GLN A 174 4.30 -16.35 23.41
N LYS A 175 4.04 -15.42 22.51
CA LYS A 175 4.36 -14.02 22.74
C LYS A 175 3.10 -13.16 22.78
N LEU A 176 3.06 -12.24 23.74
CA LEU A 176 2.00 -11.25 23.81
C LEU A 176 2.64 -9.86 23.77
N THR A 177 2.30 -9.08 22.76
CA THR A 177 2.88 -7.76 22.62
C THR A 177 1.81 -6.67 22.63
N LEU A 178 2.13 -5.56 23.30
CA LEU A 178 1.22 -4.43 23.43
C LEU A 178 1.82 -3.21 22.74
N LEU A 179 1.09 -2.67 21.77
CA LEU A 179 1.57 -1.51 21.03
C LEU A 179 0.61 -0.34 21.21
N PHE A 180 1.11 0.77 21.74
CA PHE A 180 0.25 1.89 22.06
C PHE A 180 0.51 3.11 21.19
N TYR A 181 -0.50 3.96 21.07
CA TYR A 181 -0.42 5.16 20.26
C TYR A 181 0.70 6.09 20.70
N ASN A 182 1.11 5.97 21.96
CA ASN A 182 2.16 6.82 22.51
C ASN A 182 3.53 6.23 22.24
N ASP A 183 3.55 5.21 21.38
CA ASP A 183 4.76 4.64 20.79
C ASP A 183 5.40 3.61 21.72
N THR A 184 4.83 3.43 22.89
CA THR A 184 5.25 2.36 23.80
C THR A 184 4.95 1.00 23.19
N VAL A 185 5.97 0.14 23.15
CA VAL A 185 5.79 -1.24 22.73
C VAL A 185 6.39 -2.19 23.75
N THR A 186 5.58 -3.12 24.24
CA THR A 186 6.03 -4.04 25.30
C THR A 186 5.73 -5.49 24.95
N GLU A 187 6.75 -6.34 24.93
CA GLU A 187 6.55 -7.74 24.58
C GLU A 187 6.89 -8.68 25.73
N ARG A 188 6.06 -9.71 25.90
CA ARG A 188 6.25 -10.70 26.95
C ARG A 188 6.11 -12.13 26.43
N THR A 189 6.87 -13.03 27.02
CA THR A 189 6.60 -14.46 26.84
C THR A 189 5.57 -14.89 27.87
N ILE A 190 4.55 -15.60 27.42
CA ILE A 190 3.49 -16.04 28.34
C ILE A 190 3.36 -17.56 28.38
N SER A 191 2.98 -18.07 29.54
CA SER A 191 2.69 -19.48 29.71
C SER A 191 1.34 -19.63 30.37
N PRO A 192 0.26 -19.57 29.58
CA PRO A 192 -1.12 -19.61 30.08
C PRO A 192 -1.39 -20.86 30.90
N THR A 193 -2.28 -20.72 31.88
CA THR A 193 -2.66 -21.84 32.74
C THR A 193 -3.36 -22.91 31.92
N GLY A 194 -2.85 -24.13 31.98
CA GLY A 194 -3.44 -25.25 31.26
C GLY A 194 -2.65 -25.66 30.03
N LEU A 195 -1.63 -24.87 29.70
CA LEU A 195 -0.81 -25.14 28.53
C LEU A 195 0.21 -26.25 28.77
N GLU A 196 1.12 -26.00 29.70
CA GLU A 196 2.23 -26.91 29.99
C GLU A 196 1.76 -28.32 30.37
N GLY A 197 2.26 -29.30 29.63
CA GLY A 197 1.95 -30.70 29.92
C GLY A 197 0.73 -31.24 29.20
N ASN A 198 -0.19 -30.35 28.84
CA ASN A 198 -1.40 -30.76 28.13
C ASN A 198 -1.34 -30.61 26.62
N TRP A 199 -0.32 -29.91 26.11
CA TRP A 199 -0.31 -29.53 24.71
C TRP A 199 1.01 -29.86 24.02
N ALA A 200 0.90 -30.35 22.79
CA ALA A 200 2.06 -30.51 21.92
C ALA A 200 2.45 -29.15 21.36
N THR A 201 1.46 -28.42 20.86
CA THR A 201 1.66 -27.05 20.38
C THR A 201 0.42 -26.19 20.57
N LEU A 202 0.63 -24.89 20.55
CA LEU A 202 -0.46 -23.93 20.55
C LEU A 202 -0.06 -22.72 19.71
N VAL A 203 -0.96 -22.29 18.84
CA VAL A 203 -0.70 -21.10 18.03
C VAL A 203 -1.95 -20.24 18.00
N PRO A 204 -1.77 -18.92 17.85
CA PRO A 204 -2.90 -18.00 17.70
C PRO A 204 -3.72 -18.28 16.44
N GLY A 205 -5.02 -17.95 16.50
CA GLY A 205 -5.95 -18.33 15.47
C GLY A 205 -6.03 -17.39 14.28
N VAL A 206 -5.12 -16.43 14.24
CA VAL A 206 -4.93 -15.52 13.09
C VAL A 206 -6.04 -14.48 12.94
N GLY A 207 -7.25 -14.82 13.37
CA GLY A 207 -8.36 -13.90 13.26
C GLY A 207 -8.29 -13.01 14.48
N SER A 208 -8.85 -11.81 14.37
CA SER A 208 -8.75 -10.83 15.44
C SER A 208 -9.38 -11.34 16.74
N GLY A 209 -8.81 -10.93 17.87
CA GLY A 209 -9.41 -11.17 19.16
C GLY A 209 -10.21 -9.96 19.58
N ILE A 210 -10.72 -9.94 20.80
CA ILE A 210 -11.47 -8.78 21.28
C ILE A 210 -11.18 -8.41 22.73
N TYR A 211 -11.49 -7.17 23.08
CA TYR A 211 -11.42 -6.69 24.45
C TYR A 211 -12.85 -6.48 24.95
N PHE A 212 -13.29 -7.29 25.91
CA PHE A 212 -14.63 -7.13 26.42
C PHE A 212 -14.69 -7.44 27.92
N GLU A 213 -15.37 -6.57 28.67
CA GLU A 213 -15.48 -6.66 30.12
C GLU A 213 -14.13 -6.89 30.79
N ASN A 214 -13.17 -6.02 30.48
CA ASN A 214 -11.82 -6.06 31.04
C ASN A 214 -11.11 -7.38 30.75
N LYS A 215 -11.53 -8.04 29.68
CA LYS A 215 -10.91 -9.30 29.29
C LYS A 215 -10.37 -9.23 27.87
N LEU A 216 -9.15 -9.71 27.69
CA LEU A 216 -8.54 -9.81 26.37
C LEU A 216 -8.66 -11.25 25.89
N ILE A 217 -9.40 -11.47 24.81
CA ILE A 217 -9.68 -12.81 24.33
C ILE A 217 -9.20 -13.06 22.91
N PHE A 218 -8.35 -14.05 22.74
CA PHE A 218 -7.82 -14.44 21.42
C PHE A 218 -8.25 -15.84 21.04
N PRO A 219 -8.48 -16.08 19.74
CA PRO A 219 -8.69 -17.44 19.25
C PRO A 219 -7.37 -18.19 19.20
N ALA A 220 -7.40 -19.49 19.44
CA ALA A 220 -6.20 -20.30 19.34
C ALA A 220 -6.54 -21.72 18.90
N TYR A 221 -5.53 -22.47 18.47
CA TYR A 221 -5.71 -23.88 18.17
C TYR A 221 -4.37 -24.60 18.22
N GLY A 222 -4.40 -25.91 18.40
CA GLY A 222 -3.16 -26.66 18.47
C GLY A 222 -3.37 -28.13 18.81
N GLY A 223 -2.28 -28.88 18.87
CA GLY A 223 -2.38 -30.29 19.22
C GLY A 223 -2.41 -30.52 20.72
N VAL A 224 -3.28 -31.42 21.14
CA VAL A 224 -3.39 -31.81 22.54
C VAL A 224 -2.85 -33.23 22.68
N LEU A 225 -1.98 -33.40 23.66
CA LEU A 225 -1.37 -34.69 23.93
C LEU A 225 -2.41 -35.69 24.40
N PRO A 226 -2.61 -36.76 23.62
CA PRO A 226 -3.43 -37.85 24.14
C PRO A 226 -2.70 -38.49 25.32
N ASN A 227 -3.46 -38.97 26.32
CA ASN A 227 -2.95 -39.53 27.57
C ASN A 227 -2.55 -38.45 28.58
N SER A 228 -2.66 -37.18 28.19
CA SER A 228 -2.50 -36.08 29.14
C SER A 228 -3.80 -35.94 29.95
N THR A 229 -3.81 -35.04 30.92
CA THR A 229 -5.00 -34.83 31.74
C THR A 229 -6.16 -34.36 30.88
N LEU A 230 -5.94 -33.28 30.13
CA LEU A 230 -6.95 -32.75 29.21
C LEU A 230 -7.26 -33.74 28.11
N GLY A 231 -6.23 -34.43 27.62
CA GLY A 231 -6.39 -35.42 26.57
C GLY A 231 -7.27 -36.58 27.00
N VAL A 232 -7.16 -36.97 28.27
CA VAL A 232 -7.97 -38.05 28.82
C VAL A 232 -9.39 -37.59 29.13
N LYS A 233 -9.52 -36.39 29.67
CA LYS A 233 -10.83 -35.85 30.01
C LYS A 233 -11.66 -35.58 28.75
N SER A 234 -11.00 -35.15 27.68
CA SER A 234 -11.69 -34.74 26.46
C SER A 234 -11.87 -35.91 25.48
N ALA A 235 -11.50 -37.10 25.90
CA ALA A 235 -11.67 -38.29 25.07
C ALA A 235 -13.16 -38.62 24.99
N ARG A 236 -13.57 -39.18 23.85
CA ARG A 236 -14.96 -39.59 23.57
C ARG A 236 -15.81 -38.37 23.17
N GLU A 237 -15.18 -37.21 23.09
CA GLU A 237 -15.90 -35.98 22.73
C GLU A 237 -15.82 -35.76 21.23
N PHE A 238 -16.97 -35.56 20.59
CA PHE A 238 -17.00 -35.29 19.17
C PHE A 238 -18.25 -34.53 18.78
N PHE A 239 -18.21 -33.89 17.62
CA PHE A 239 -19.36 -33.17 17.10
C PHE A 239 -19.56 -33.50 15.63
N ARG A 240 -20.80 -33.83 15.26
CA ARG A 240 -21.10 -34.21 13.89
C ARG A 240 -22.26 -33.42 13.31
N PRO A 241 -21.96 -32.30 12.64
CA PRO A 241 -22.99 -31.52 11.96
C PRO A 241 -23.62 -32.34 10.83
N VAL A 242 -24.94 -32.23 10.68
CA VAL A 242 -25.63 -32.93 9.61
C VAL A 242 -26.40 -31.93 8.76
N ASN A 243 -26.15 -31.96 7.45
CA ASN A 243 -26.91 -31.15 6.50
C ASN A 243 -28.16 -31.90 6.05
N PRO A 244 -29.34 -31.44 6.49
CA PRO A 244 -30.63 -32.09 6.21
C PRO A 244 -30.91 -32.19 4.72
N TYR A 245 -30.38 -31.26 3.95
CA TYR A 245 -30.63 -31.18 2.51
C TYR A 245 -29.58 -31.95 1.71
N ASN A 246 -28.49 -32.34 2.37
CA ASN A 246 -27.47 -33.19 1.76
C ASN A 246 -26.87 -34.15 2.77
N PRO A 247 -27.64 -35.15 3.20
CA PRO A 247 -27.20 -36.06 4.27
C PRO A 247 -26.15 -37.06 3.82
N CYS A 248 -25.43 -37.62 4.77
CA CYS A 248 -24.46 -38.66 4.51
C CYS A 248 -25.06 -40.02 4.86
N SER A 249 -25.06 -40.95 3.91
CA SER A 249 -25.66 -42.25 4.16
C SER A 249 -24.74 -43.11 5.01
N GLY A 250 -25.33 -43.79 5.98
CA GLY A 250 -24.61 -44.71 6.84
C GLY A 250 -25.27 -44.81 8.19
N PRO A 251 -24.80 -45.74 9.04
CA PRO A 251 -25.30 -45.87 10.42
C PRO A 251 -24.81 -44.72 11.28
N GLN A 252 -25.58 -44.32 12.27
CA GLN A 252 -25.18 -43.22 13.15
C GLN A 252 -23.91 -43.56 13.91
N GLN A 253 -23.77 -44.81 14.33
CA GLN A 253 -22.62 -45.23 15.12
C GLN A 253 -21.31 -45.13 14.33
N ASP A 254 -21.35 -45.57 13.07
CA ASP A 254 -20.17 -45.51 12.21
C ASP A 254 -19.78 -44.08 11.88
N LEU A 255 -20.77 -43.25 11.58
CA LEU A 255 -20.55 -41.85 11.29
C LEU A 255 -20.00 -41.12 12.52
N ASP A 256 -20.44 -41.54 13.70
CA ASP A 256 -19.99 -40.97 14.96
C ASP A 256 -18.55 -41.38 15.26
N GLN A 257 -18.22 -42.62 14.95
CA GLN A 257 -16.86 -43.12 15.15
C GLN A 257 -15.89 -42.41 14.21
N ARG A 258 -16.31 -42.23 12.96
CA ARG A 258 -15.49 -41.54 11.96
C ARG A 258 -15.30 -40.05 12.30
N ALA A 259 -16.38 -39.42 12.75
CA ALA A 259 -16.33 -38.03 13.21
C ALA A 259 -15.39 -37.88 14.40
N LEU A 260 -15.47 -38.83 15.33
CA LEU A 260 -14.59 -38.84 16.49
C LEU A 260 -13.13 -38.98 16.07
N ARG A 261 -12.88 -39.86 15.10
CA ARG A 261 -11.52 -40.11 14.66
C ARG A 261 -10.97 -38.98 13.77
N SER A 262 -11.86 -38.11 13.28
CA SER A 262 -11.42 -36.99 12.44
C SER A 262 -10.63 -35.95 13.23
N TYR A 263 -10.71 -36.01 14.56
CA TYR A 263 -9.99 -35.08 15.43
C TYR A 263 -8.51 -35.44 15.58
N PHE A 264 -8.13 -36.60 15.07
CA PHE A 264 -6.77 -37.11 15.28
C PHE A 264 -6.07 -37.41 13.97
N PRO A 265 -5.75 -36.37 13.18
CA PRO A 265 -5.10 -36.59 11.89
C PRO A 265 -3.69 -37.14 12.07
N SER A 266 -3.32 -38.13 11.26
CA SER A 266 -1.98 -38.72 11.35
C SER A 266 -0.92 -37.72 10.86
N TYR A 267 -1.37 -36.78 10.04
CA TYR A 267 -0.52 -35.70 9.54
C TYR A 267 0.07 -34.90 10.70
N PHE A 268 -0.73 -34.73 11.74
CA PHE A 268 -0.31 -34.02 12.96
C PHE A 268 0.12 -34.99 14.06
N SER A 269 0.36 -36.25 13.68
CA SER A 269 0.83 -37.30 14.58
C SER A 269 -0.24 -37.70 15.60
N ASN A 270 -1.49 -37.66 15.15
CA ASN A 270 -2.62 -38.18 15.92
C ASN A 270 -2.79 -37.51 17.28
N ARG A 271 -2.28 -36.29 17.42
CA ARG A 271 -2.63 -35.46 18.55
C ARG A 271 -4.08 -35.07 18.38
N ARG A 272 -4.74 -34.66 19.46
CA ARG A 272 -6.09 -34.18 19.30
C ARG A 272 -6.07 -32.71 18.92
N VAL A 273 -6.45 -32.39 17.68
CA VAL A 273 -6.36 -31.02 17.22
C VAL A 273 -7.56 -30.23 17.76
N GLN A 274 -7.26 -29.20 18.52
CA GLN A 274 -8.22 -28.56 19.41
C GLN A 274 -8.21 -27.04 19.31
N SER A 275 -9.40 -26.45 19.24
CA SER A 275 -9.56 -25.00 19.36
C SER A 275 -9.60 -24.58 20.82
N ALA A 276 -9.04 -23.43 21.13
CA ALA A 276 -9.07 -22.90 22.50
C ALA A 276 -9.14 -21.39 22.48
N PHE A 277 -9.24 -20.80 23.67
CA PHE A 277 -9.28 -19.35 23.80
C PHE A 277 -8.24 -18.86 24.80
N LEU A 278 -7.41 -17.91 24.37
CA LEU A 278 -6.50 -17.26 25.29
C LEU A 278 -7.21 -16.10 25.97
N VAL A 279 -7.35 -16.17 27.29
CA VAL A 279 -8.01 -15.11 28.04
C VAL A 279 -7.07 -14.48 29.05
N CYS A 280 -6.92 -13.16 28.97
CA CYS A 280 -6.00 -12.42 29.83
C CYS A 280 -6.71 -11.26 30.52
N ALA A 281 -6.48 -11.09 31.81
CA ALA A 281 -7.06 -9.97 32.54
C ALA A 281 -6.32 -8.68 32.17
N TRP A 282 -7.07 -7.70 31.69
CA TRP A 282 -6.48 -6.47 31.19
C TRP A 282 -5.88 -5.61 32.30
N ASN A 283 -6.49 -5.65 33.48
CA ASN A 283 -5.98 -4.93 34.63
C ASN A 283 -4.58 -5.41 35.01
N GLN A 284 -4.39 -6.72 34.95
CA GLN A 284 -3.11 -7.34 35.27
C GLN A 284 -2.26 -7.65 34.04
N ILE A 285 -2.65 -7.09 32.88
CA ILE A 285 -2.11 -7.47 31.58
C ILE A 285 -0.57 -7.47 31.50
N LEU A 286 0.08 -6.74 32.39
CA LEU A 286 1.53 -6.71 32.43
C LEU A 286 2.14 -7.95 33.11
N VAL A 287 1.51 -8.42 34.18
CA VAL A 287 2.02 -9.57 34.93
C VAL A 287 1.25 -10.89 34.73
N THR A 288 0.16 -10.87 33.96
CA THR A 288 -0.92 -11.84 34.15
C THR A 288 -0.67 -13.30 33.77
N ASN A 289 0.16 -13.56 32.76
CA ASN A 289 0.38 -14.93 32.23
C ASN A 289 -0.87 -15.55 31.60
N CYS A 290 -1.99 -14.85 31.73
CA CYS A 290 -3.29 -15.24 31.16
C CYS A 290 -3.78 -16.64 31.51
N GLU A 291 -4.56 -17.21 30.59
CA GLU A 291 -5.24 -18.47 30.85
C GLU A 291 -5.72 -19.10 29.53
N LEU A 292 -5.93 -20.40 29.56
CA LEU A 292 -6.36 -21.14 28.39
C LEU A 292 -7.71 -21.81 28.64
N VAL A 293 -8.73 -21.35 27.92
CA VAL A 293 -10.08 -21.88 28.09
C VAL A 293 -10.47 -22.77 26.91
N VAL A 294 -10.71 -24.04 27.18
CA VAL A 294 -10.96 -25.03 26.15
C VAL A 294 -12.43 -25.51 26.12
N PRO A 295 -13.08 -25.36 24.95
CA PRO A 295 -14.46 -25.80 24.77
C PRO A 295 -14.60 -27.32 24.61
N SER A 296 -15.76 -27.85 24.99
CA SER A 296 -16.06 -29.26 24.79
C SER A 296 -16.16 -29.56 23.30
N ASN A 297 -15.58 -30.67 22.89
CA ASN A 297 -15.57 -31.03 21.48
C ASN A 297 -16.89 -31.66 21.04
N ASN A 298 -17.80 -31.79 21.99
CA ASN A 298 -19.18 -32.12 21.68
C ASN A 298 -19.87 -30.96 20.99
N GLN A 299 -19.42 -29.75 21.28
CA GLN A 299 -20.02 -28.55 20.71
C GLN A 299 -19.25 -27.93 19.54
N THR A 300 -18.08 -28.47 19.23
CA THR A 300 -17.22 -27.85 18.22
C THR A 300 -16.41 -28.86 17.39
N LEU A 301 -16.04 -28.46 16.17
CA LEU A 301 -15.29 -29.33 15.27
C LEU A 301 -13.81 -29.32 15.61
N MET A 302 -13.02 -29.96 14.75
CA MET A 302 -11.57 -30.02 14.90
C MET A 302 -10.96 -28.62 14.96
N GLY A 303 -9.99 -28.44 15.85
CA GLY A 303 -9.34 -27.15 16.04
C GLY A 303 -8.78 -26.55 14.76
N ALA A 304 -9.01 -25.25 14.60
CA ALA A 304 -8.55 -24.56 13.40
C ALA A 304 -8.39 -23.07 13.68
N GLU A 305 -7.97 -22.33 12.66
CA GLU A 305 -7.92 -20.88 12.74
C GLU A 305 -9.32 -20.36 13.01
N GLY A 306 -9.41 -19.22 13.69
CA GLY A 306 -10.71 -18.68 14.02
C GLY A 306 -10.72 -17.19 14.27
N ARG A 307 -11.89 -16.66 14.60
CA ARG A 307 -12.00 -15.25 14.91
C ARG A 307 -13.00 -15.04 16.05
N VAL A 308 -12.70 -14.12 16.96
CA VAL A 308 -13.64 -13.80 18.02
C VAL A 308 -14.28 -12.45 17.75
N LEU A 309 -15.61 -12.43 17.70
CA LEU A 309 -16.35 -11.20 17.46
C LEU A 309 -17.22 -10.80 18.63
N LEU A 310 -17.38 -9.50 18.83
CA LEU A 310 -18.29 -8.99 19.84
C LEU A 310 -19.26 -8.05 19.15
N ILE A 311 -20.49 -8.51 19.00
CA ILE A 311 -21.52 -7.70 18.36
C ILE A 311 -22.60 -7.51 19.40
N ASN A 312 -22.98 -6.26 19.62
CA ASN A 312 -23.91 -5.91 20.68
C ASN A 312 -23.14 -6.31 21.92
N ASN A 313 -23.73 -7.08 22.82
CA ASN A 313 -23.01 -7.55 23.99
C ASN A 313 -22.78 -9.04 23.88
N ARG A 314 -22.98 -9.57 22.68
CA ARG A 314 -22.88 -11.02 22.45
C ARG A 314 -21.62 -11.43 21.68
N LEU A 315 -20.94 -12.44 22.23
CA LEU A 315 -19.74 -13.01 21.62
C LEU A 315 -20.04 -14.11 20.61
N LEU A 316 -19.28 -14.10 19.52
CA LEU A 316 -19.40 -15.10 18.47
C LEU A 316 -18.01 -15.59 18.10
N TYR A 317 -17.93 -16.81 17.57
CA TYR A 317 -16.66 -17.40 17.19
C TYR A 317 -16.72 -18.03 15.81
N TYR A 318 -15.95 -17.48 14.87
CA TYR A 318 -15.80 -18.11 13.57
C TYR A 318 -14.72 -19.18 13.66
N GLN A 319 -14.98 -20.32 13.03
CA GLN A 319 -14.00 -21.38 12.96
C GLN A 319 -13.78 -21.78 11.50
N ARG A 320 -12.54 -21.65 11.03
CA ARG A 320 -12.20 -22.10 9.69
C ARG A 320 -12.55 -23.57 9.55
N SER A 321 -12.99 -23.98 8.36
CA SER A 321 -13.31 -25.39 8.16
C SER A 321 -12.08 -26.09 7.61
N THR A 322 -11.25 -26.57 8.52
CA THR A 322 -10.07 -27.32 8.17
C THR A 322 -10.42 -28.79 8.08
N SER A 323 -11.43 -29.19 8.86
CA SER A 323 -11.87 -30.57 8.92
C SER A 323 -12.81 -30.89 7.75
N TRP A 324 -13.49 -32.03 7.87
CA TRP A 324 -14.34 -32.57 6.81
C TRP A 324 -15.60 -31.74 6.49
N TRP A 325 -16.09 -30.97 7.46
CA TRP A 325 -17.31 -30.19 7.27
C TRP A 325 -17.02 -28.94 6.44
N PRO A 326 -17.57 -28.89 5.21
CA PRO A 326 -17.30 -27.88 4.19
C PRO A 326 -17.97 -26.52 4.40
N TYR A 327 -18.99 -26.44 5.25
CA TYR A 327 -19.78 -25.22 5.37
C TYR A 327 -19.23 -24.24 6.40
N GLU A 328 -19.87 -23.07 6.48
CA GLU A 328 -19.37 -21.97 7.29
C GLU A 328 -19.65 -22.17 8.77
N LEU A 329 -18.59 -22.14 9.58
CA LEU A 329 -18.74 -22.40 11.01
C LEU A 329 -18.73 -21.12 11.84
N LEU A 330 -19.88 -20.81 12.42
CA LEU A 330 -20.06 -19.66 13.28
C LEU A 330 -20.83 -20.05 14.54
N TYR A 331 -20.24 -19.81 15.70
CA TYR A 331 -20.85 -20.19 16.97
C TYR A 331 -21.26 -18.98 17.80
N GLU A 332 -22.38 -19.10 18.51
CA GLU A 332 -22.70 -18.14 19.57
C GLU A 332 -22.04 -18.64 20.85
N ILE A 333 -21.18 -17.84 21.47
CA ILE A 333 -20.45 -18.33 22.63
C ILE A 333 -20.66 -17.50 23.89
N SER A 334 -20.44 -18.14 25.05
CA SER A 334 -20.51 -17.45 26.33
C SER A 334 -19.54 -18.07 27.31
N PHE A 335 -18.95 -17.23 28.17
CA PHE A 335 -17.91 -17.67 29.10
C PHE A 335 -18.38 -17.66 30.55
N THR A 336 -17.81 -18.55 31.35
CA THR A 336 -17.96 -18.50 32.79
C THR A 336 -16.58 -18.33 33.42
N PHE A 337 -16.34 -17.16 34.00
CA PHE A 337 -15.03 -16.83 34.58
C PHE A 337 -14.94 -17.13 36.07
N THR A 338 -13.77 -17.65 36.44
CA THR A 338 -13.46 -18.01 37.83
C THR A 338 -12.08 -17.47 38.22
N ASN A 339 -11.84 -17.36 39.52
CA ASN A 339 -10.58 -16.86 40.02
C ASN A 339 -9.33 -17.69 39.70
N SER A 340 -9.42 -19.02 39.74
CA SER A 340 -8.20 -19.82 39.49
C SER A 340 -8.21 -20.98 38.48
N GLY A 341 -8.25 -20.67 37.19
CA GLY A 341 -8.19 -21.66 36.13
C GLY A 341 -9.30 -22.67 35.98
N GLN A 342 -10.48 -22.35 36.51
CA GLN A 342 -11.64 -23.21 36.42
C GLN A 342 -12.59 -22.62 35.38
N SER A 343 -12.08 -21.65 34.64
CA SER A 343 -12.86 -20.94 33.61
C SER A 343 -13.35 -21.87 32.53
N SER A 344 -14.57 -21.61 32.05
CA SER A 344 -15.15 -22.46 31.01
C SER A 344 -15.84 -21.66 29.93
N VAL A 345 -16.19 -22.34 28.85
CA VAL A 345 -16.87 -21.72 27.72
C VAL A 345 -17.90 -22.67 27.11
N ASN A 346 -19.06 -22.12 26.80
CA ASN A 346 -20.14 -22.85 26.17
C ASN A 346 -20.43 -22.25 24.80
N MET A 347 -20.61 -23.09 23.80
CA MET A 347 -20.89 -22.59 22.46
C MET A 347 -22.00 -23.34 21.74
N SER A 348 -22.71 -22.60 20.90
CA SER A 348 -23.85 -23.13 20.16
C SER A 348 -23.66 -22.86 18.67
N TRP A 349 -23.57 -23.94 17.91
CA TRP A 349 -23.36 -23.87 16.47
C TRP A 349 -24.58 -23.29 15.76
N ILE A 350 -24.34 -22.27 14.93
CA ILE A 350 -25.38 -21.72 14.07
C ILE A 350 -25.49 -22.59 12.82
N PRO A 351 -26.66 -23.21 12.61
CA PRO A 351 -26.86 -24.18 11.52
C PRO A 351 -26.78 -23.55 10.15
N ILE A 352 -25.56 -23.28 9.70
CA ILE A 352 -25.34 -22.72 8.37
C ILE A 352 -24.89 -23.77 7.38
N TYR A 353 -25.72 -24.03 6.38
CA TYR A 353 -25.27 -24.72 5.18
C TYR A 353 -25.74 -23.96 3.94
N SER A 354 -24.82 -23.22 3.32
CA SER A 354 -25.16 -22.48 2.12
C SER A 354 -24.10 -22.67 1.05
N PHE A 355 -22.94 -22.07 1.25
CA PHE A 355 -21.85 -22.25 0.30
C PHE A 355 -20.76 -23.12 0.90
N THR A 356 -19.75 -23.44 0.10
CA THR A 356 -18.73 -24.39 0.49
C THR A 356 -17.34 -23.81 0.24
N ARG A 357 -16.37 -24.17 1.09
CA ARG A 357 -14.99 -23.76 0.89
C ARG A 357 -14.22 -24.81 0.09
N PRO A 358 -13.24 -24.35 -0.72
CA PRO A 358 -12.43 -25.29 -1.53
C PRO A 358 -11.48 -26.14 -0.69
N GLY A 359 -11.27 -27.37 -1.12
CA GLY A 359 -10.38 -28.29 -0.42
C GLY A 359 -9.79 -29.31 -1.38
N SER A 360 -8.82 -30.07 -0.88
CA SER A 360 -8.10 -31.03 -1.71
C SER A 360 -8.45 -32.47 -1.36
N GLY A 361 -8.38 -33.35 -2.36
CA GLY A 361 -8.62 -34.77 -2.15
C GLY A 361 -10.04 -35.11 -1.76
N ASN A 362 -10.18 -35.81 -0.63
CA ASN A 362 -11.49 -36.16 -0.11
C ASN A 362 -11.98 -35.11 0.88
N CYS A 363 -11.21 -34.03 1.01
CA CYS A 363 -11.56 -32.92 1.88
C CYS A 363 -12.20 -31.75 1.12
N SER A 364 -12.54 -31.96 -0.14
CA SER A 364 -12.99 -30.87 -1.00
C SER A 364 -14.35 -30.32 -0.57
N GLY A 365 -14.83 -29.33 -1.32
CA GLY A 365 -16.09 -28.68 -1.02
C GLY A 365 -17.29 -29.59 -1.18
N GLU A 366 -17.11 -30.69 -1.91
CA GLU A 366 -18.20 -31.62 -2.19
C GLU A 366 -18.33 -32.71 -1.13
N ASN A 367 -17.36 -32.79 -0.22
CA ASN A 367 -17.39 -33.81 0.82
C ASN A 367 -18.14 -33.36 2.06
N VAL A 368 -19.27 -34.02 2.33
CA VAL A 368 -20.09 -33.70 3.49
C VAL A 368 -19.90 -34.71 4.65
N CYS A 369 -19.01 -35.68 4.46
CA CYS A 369 -18.92 -36.81 5.39
C CYS A 369 -17.63 -36.81 6.23
N PRO A 370 -17.72 -37.36 7.46
CA PRO A 370 -16.59 -37.36 8.40
C PRO A 370 -15.36 -38.12 7.91
N THR A 371 -14.22 -37.43 7.93
CA THR A 371 -12.94 -37.98 7.52
C THR A 371 -11.85 -37.15 8.19
N ALA A 372 -10.64 -37.70 8.33
CA ALA A 372 -9.56 -36.92 8.89
C ALA A 372 -9.04 -35.95 7.83
N CYS A 373 -9.18 -34.66 8.10
CA CYS A 373 -8.89 -33.63 7.11
C CYS A 373 -8.06 -32.48 7.68
N VAL A 374 -6.99 -32.14 6.98
CA VAL A 374 -6.35 -30.84 7.16
C VAL A 374 -6.41 -30.11 5.83
N SER A 375 -7.31 -29.14 5.73
CA SER A 375 -7.69 -28.57 4.45
C SER A 375 -8.40 -27.24 4.63
N GLY A 376 -9.06 -26.78 3.57
CA GLY A 376 -9.89 -25.60 3.65
C GLY A 376 -9.06 -24.33 3.51
N VAL A 377 -9.55 -23.25 4.11
CA VAL A 377 -8.95 -21.93 3.96
C VAL A 377 -9.73 -20.97 4.86
N TYR A 378 -9.11 -19.84 5.20
CA TYR A 378 -9.69 -18.90 6.15
C TYR A 378 -10.57 -17.89 5.41
N LEU A 379 -11.87 -18.04 5.58
CA LEU A 379 -12.83 -17.03 5.13
C LEU A 379 -13.84 -16.77 6.24
N ASP A 380 -13.77 -15.63 6.92
CA ASP A 380 -14.73 -15.38 7.99
C ASP A 380 -15.93 -14.55 7.52
N PRO A 381 -17.12 -14.85 8.06
CA PRO A 381 -18.36 -14.12 7.82
C PRO A 381 -18.52 -12.91 8.74
N TRP A 382 -19.33 -11.94 8.31
CA TRP A 382 -19.82 -10.95 9.25
C TRP A 382 -21.35 -11.03 9.33
N PRO A 383 -21.87 -11.41 10.50
CA PRO A 383 -23.32 -11.51 10.69
C PRO A 383 -24.02 -10.15 10.70
N LEU A 384 -25.04 -10.00 9.89
CA LEU A 384 -25.81 -8.76 9.81
C LEU A 384 -27.01 -8.80 10.75
N THR A 385 -27.31 -9.98 11.26
CA THR A 385 -28.47 -10.18 12.11
C THR A 385 -28.12 -11.06 13.30
N PRO A 386 -28.84 -10.90 14.42
CA PRO A 386 -28.68 -11.88 15.50
C PRO A 386 -29.31 -13.21 15.10
N TYR A 387 -28.82 -14.31 15.67
CA TYR A 387 -29.45 -15.60 15.45
C TYR A 387 -30.44 -15.87 16.58
N SER A 388 -29.91 -16.08 17.78
CA SER A 388 -30.75 -16.24 18.96
C SER A 388 -30.83 -14.93 19.73
N HIS A 389 -32.05 -14.54 20.08
CA HIS A 389 -32.27 -13.35 20.89
C HIS A 389 -33.13 -13.70 22.10
N GLN A 390 -33.52 -12.68 22.86
CA GLN A 390 -34.29 -12.90 24.08
C GLN A 390 -35.68 -13.44 23.77
N SER A 391 -36.25 -13.02 22.65
CA SER A 391 -37.58 -13.46 22.25
C SER A 391 -37.59 -14.87 21.67
N GLY A 392 -36.55 -15.22 20.92
CA GLY A 392 -36.49 -16.50 20.24
C GLY A 392 -35.33 -16.63 19.28
N ILE A 393 -35.48 -17.48 18.27
CA ILE A 393 -34.42 -17.71 17.29
C ILE A 393 -34.81 -17.16 15.92
N ASN A 394 -33.86 -16.47 15.27
CA ASN A 394 -34.09 -15.86 13.97
C ASN A 394 -33.69 -16.76 12.80
N ARG A 395 -34.68 -17.23 12.05
CA ARG A 395 -34.43 -18.08 10.88
C ARG A 395 -34.14 -17.23 9.66
N ASN A 396 -34.35 -15.92 9.80
CA ASN A 396 -34.10 -14.97 8.73
C ASN A 396 -32.67 -14.45 8.81
N PHE A 397 -31.84 -15.14 9.58
CA PHE A 397 -30.43 -14.81 9.77
C PHE A 397 -29.68 -14.55 8.46
N TYR A 398 -28.96 -13.43 8.40
CA TYR A 398 -28.16 -13.10 7.23
C TYR A 398 -26.71 -12.80 7.61
N PHE A 399 -25.77 -13.17 6.75
CA PHE A 399 -24.37 -12.81 6.97
C PHE A 399 -23.67 -12.53 5.65
N THR A 400 -22.58 -11.76 5.70
CA THR A 400 -21.88 -11.39 4.47
C THR A 400 -20.39 -11.69 4.55
N GLY A 401 -19.72 -11.69 3.40
CA GLY A 401 -18.29 -11.93 3.39
C GLY A 401 -17.74 -12.14 2.00
N ALA A 402 -16.60 -12.81 1.92
CA ALA A 402 -16.00 -13.13 0.63
C ALA A 402 -15.65 -14.61 0.58
N LEU A 403 -16.12 -15.29 -0.46
CA LEU A 403 -15.85 -16.71 -0.62
C LEU A 403 -14.94 -16.95 -1.82
N LEU A 404 -14.54 -18.19 -2.01
CA LEU A 404 -13.77 -18.58 -3.19
C LEU A 404 -14.62 -19.55 -3.97
N ASN A 405 -14.91 -19.22 -5.22
CA ASN A 405 -15.88 -19.99 -5.97
C ASN A 405 -15.21 -21.16 -6.68
N SER A 406 -15.22 -22.29 -6.00
CA SER A 406 -14.61 -23.54 -6.44
C SER A 406 -14.74 -24.51 -5.27
N SER A 407 -14.72 -25.81 -5.56
CA SER A 407 -14.74 -26.81 -4.51
C SER A 407 -13.36 -27.40 -4.25
N THR A 408 -12.39 -26.98 -5.06
CA THR A 408 -11.06 -27.58 -5.06
C THR A 408 -9.97 -26.53 -4.89
N THR A 409 -9.95 -25.57 -5.81
CA THR A 409 -8.86 -24.60 -5.90
C THR A 409 -9.22 -23.28 -5.21
N ARG A 410 -8.20 -22.58 -4.70
CA ARG A 410 -8.44 -21.26 -4.13
C ARG A 410 -8.39 -20.23 -5.25
N VAL A 411 -9.57 -19.84 -5.71
CA VAL A 411 -9.68 -19.07 -6.93
C VAL A 411 -11.05 -18.40 -6.99
N ASN A 412 -11.15 -17.34 -7.80
CA ASN A 412 -12.40 -16.61 -7.99
C ASN A 412 -12.98 -16.04 -6.68
N PRO A 413 -12.32 -15.01 -6.12
CA PRO A 413 -12.85 -14.34 -4.94
C PRO A 413 -14.20 -13.66 -5.26
N THR A 414 -15.18 -13.87 -4.39
CA THR A 414 -16.53 -13.39 -4.65
C THR A 414 -17.18 -12.81 -3.40
N LEU A 415 -17.60 -11.56 -3.49
CA LEU A 415 -18.35 -10.93 -2.40
C LEU A 415 -19.72 -11.60 -2.33
N TYR A 416 -20.23 -11.79 -1.12
CA TYR A 416 -21.52 -12.46 -1.00
C TYR A 416 -22.32 -12.00 0.21
N VAL A 417 -23.63 -12.09 0.06
CA VAL A 417 -24.54 -12.08 1.20
C VAL A 417 -25.31 -13.39 1.14
N SER A 418 -25.40 -14.05 2.29
CA SER A 418 -25.96 -15.38 2.42
C SER A 418 -26.98 -15.51 3.54
N ALA A 419 -28.00 -16.33 3.30
CA ALA A 419 -28.92 -16.76 4.35
C ALA A 419 -28.39 -18.06 4.95
N LEU A 420 -29.20 -18.72 5.77
CA LEU A 420 -28.79 -20.00 6.37
C LEU A 420 -28.64 -21.10 5.33
N ASN A 421 -29.67 -21.30 4.52
CA ASN A 421 -29.68 -22.41 3.56
C ASN A 421 -29.20 -22.05 2.16
N ASN A 422 -29.08 -20.76 1.85
CA ASN A 422 -28.73 -20.36 0.48
C ASN A 422 -28.13 -18.96 0.37
N LEU A 423 -27.51 -18.69 -0.79
CA LEU A 423 -26.89 -17.40 -1.07
C LEU A 423 -27.91 -16.36 -1.56
N LYS A 424 -27.88 -15.19 -0.97
CA LYS A 424 -28.75 -14.09 -1.39
C LYS A 424 -28.19 -13.31 -2.59
N VAL A 425 -26.90 -12.95 -2.54
CA VAL A 425 -26.33 -12.18 -3.64
C VAL A 425 -24.82 -12.36 -3.78
N LEU A 426 -24.33 -12.24 -5.02
CA LEU A 426 -22.93 -12.51 -5.36
C LEU A 426 -22.34 -11.42 -6.26
N ALA A 427 -21.18 -10.90 -5.85
CA ALA A 427 -20.45 -9.90 -6.61
C ALA A 427 -18.98 -10.28 -6.72
N PRO A 428 -18.60 -10.98 -7.80
CA PRO A 428 -17.23 -11.41 -8.04
C PRO A 428 -16.24 -10.25 -8.03
N TYR A 429 -15.04 -10.49 -7.54
CA TYR A 429 -13.97 -9.51 -7.68
C TYR A 429 -12.96 -9.99 -8.70
N GLY A 430 -12.70 -9.17 -9.71
CA GLY A 430 -11.77 -9.52 -10.77
C GLY A 430 -12.38 -10.48 -11.78
N ASN A 431 -11.53 -11.11 -12.58
CA ASN A 431 -12.01 -12.04 -13.60
C ASN A 431 -11.96 -13.48 -13.09
N GLN A 432 -12.43 -14.38 -13.92
CA GLN A 432 -12.35 -15.80 -13.60
C GLN A 432 -10.89 -16.27 -13.70
N GLY A 433 -10.49 -17.14 -12.77
CA GLY A 433 -9.15 -17.67 -12.78
C GLY A 433 -8.21 -16.88 -11.89
N LEU A 434 -8.73 -15.82 -11.27
CA LEU A 434 -7.94 -15.01 -10.35
C LEU A 434 -7.78 -15.74 -9.02
N PHE A 435 -6.52 -15.97 -8.64
CA PHE A 435 -6.23 -16.72 -7.42
C PHE A 435 -6.34 -15.85 -6.18
N ALA A 436 -6.90 -16.42 -5.12
CA ALA A 436 -7.09 -15.70 -3.87
C ALA A 436 -7.11 -16.68 -2.70
N SER A 437 -6.75 -16.24 -1.50
CA SER A 437 -6.81 -17.16 -0.36
C SER A 437 -7.62 -16.69 0.83
N TYR A 438 -7.02 -15.93 1.73
CA TYR A 438 -7.68 -15.59 3.00
C TYR A 438 -8.56 -14.38 2.83
N THR A 439 -9.75 -14.42 3.43
CA THR A 439 -10.62 -13.25 3.45
C THR A 439 -11.14 -13.01 4.87
N THR A 440 -11.19 -11.75 5.25
CA THR A 440 -11.78 -11.36 6.53
C THR A 440 -12.65 -10.12 6.32
N THR A 441 -13.90 -10.19 6.79
CA THR A 441 -14.89 -9.18 6.47
C THR A 441 -15.42 -8.49 7.72
N THR A 442 -15.54 -7.17 7.66
CA THR A 442 -16.12 -6.40 8.77
C THR A 442 -17.11 -5.37 8.25
N CYS A 443 -18.29 -5.31 8.85
CA CYS A 443 -19.28 -4.31 8.45
C CYS A 443 -19.56 -3.31 9.57
N PHE A 444 -19.90 -2.08 9.18
CA PHE A 444 -20.23 -1.01 10.11
C PHE A 444 -21.22 -0.07 9.44
N GLN A 445 -21.88 0.76 10.25
CA GLN A 445 -22.88 1.66 9.71
C GLN A 445 -22.54 3.14 9.94
N ASP A 446 -22.77 3.95 8.92
CA ASP A 446 -22.69 5.39 9.04
C ASP A 446 -23.98 5.88 9.71
N THR A 447 -23.86 6.49 10.89
CA THR A 447 -25.06 6.91 11.61
C THR A 447 -25.53 8.28 11.11
N GLY A 448 -24.72 8.93 10.28
CA GLY A 448 -25.14 10.15 9.64
C GLY A 448 -26.17 9.96 8.53
N ASP A 449 -25.78 9.23 7.48
CA ASP A 449 -26.67 9.01 6.34
C ASP A 449 -27.29 7.60 6.27
N ALA A 450 -27.04 6.79 7.30
CA ALA A 450 -27.60 5.43 7.42
C ALA A 450 -26.93 4.41 6.49
N SER A 451 -25.95 4.84 5.71
CA SER A 451 -25.20 3.94 4.85
C SER A 451 -24.59 2.75 5.60
N VAL A 452 -24.65 1.57 4.96
CA VAL A 452 -24.02 0.37 5.51
C VAL A 452 -22.79 0.01 4.69
N TYR A 453 -21.63 -0.03 5.34
CA TYR A 453 -20.37 -0.34 4.67
C TYR A 453 -19.78 -1.67 5.10
N CYS A 454 -19.30 -2.44 4.13
CA CYS A 454 -18.57 -3.66 4.41
C CYS A 454 -17.18 -3.57 3.82
N VAL A 455 -16.18 -3.91 4.61
CA VAL A 455 -14.82 -4.03 4.12
C VAL A 455 -14.47 -5.51 4.04
N TYR A 456 -14.14 -5.93 2.83
CA TYR A 456 -13.70 -7.29 2.56
C TYR A 456 -12.20 -7.28 2.32
N ILE A 457 -11.45 -7.80 3.26
CA ILE A 457 -10.00 -7.82 3.15
C ILE A 457 -9.57 -9.18 2.64
N MET A 458 -9.03 -9.24 1.42
CA MET A 458 -8.69 -10.55 0.86
C MET A 458 -7.32 -10.62 0.22
N GLU A 459 -6.69 -11.79 0.36
CA GLU A 459 -5.41 -12.07 -0.26
C GLU A 459 -5.63 -12.33 -1.74
N LEU A 460 -5.05 -11.51 -2.60
CA LEU A 460 -5.26 -11.65 -4.04
C LEU A 460 -3.94 -11.82 -4.76
N ALA A 461 -3.91 -12.66 -5.80
CA ALA A 461 -2.68 -12.86 -6.55
C ALA A 461 -2.43 -11.70 -7.50
N SER A 462 -1.31 -11.01 -7.31
CA SER A 462 -0.95 -9.87 -8.14
C SER A 462 0.11 -10.25 -9.17
N ASN A 463 0.05 -9.62 -10.33
CA ASN A 463 0.99 -9.91 -11.40
C ASN A 463 2.35 -9.25 -11.19
N ILE A 464 2.37 -8.11 -10.53
CA ILE A 464 3.62 -7.37 -10.31
C ILE A 464 4.19 -7.50 -8.91
N VAL A 465 3.37 -7.94 -7.94
CA VAL A 465 3.83 -8.02 -6.57
C VAL A 465 3.80 -9.47 -6.07
N GLY A 466 4.61 -9.76 -5.06
CA GLY A 466 4.72 -11.09 -4.48
C GLY A 466 3.40 -11.67 -4.00
N GLU A 467 3.37 -13.00 -3.90
CA GLU A 467 2.18 -13.77 -3.56
C GLU A 467 1.29 -13.08 -2.53
N PHE A 468 0.15 -12.59 -3.02
CA PHE A 468 -0.97 -12.07 -2.24
C PHE A 468 -0.86 -10.63 -1.79
N GLN A 469 -1.24 -9.73 -2.71
CA GLN A 469 -1.48 -8.37 -2.33
C GLN A 469 -2.77 -8.42 -1.51
N ILE A 470 -2.70 -7.96 -0.27
CA ILE A 470 -3.84 -8.02 0.62
C ILE A 470 -4.70 -6.77 0.40
N LEU A 471 -5.90 -6.94 -0.13
CA LEU A 471 -6.70 -5.82 -0.60
C LEU A 471 -7.95 -5.62 0.28
N PRO A 472 -8.05 -4.43 0.91
CA PRO A 472 -9.22 -3.99 1.68
C PRO A 472 -10.28 -3.33 0.80
N VAL A 473 -11.19 -4.14 0.25
CA VAL A 473 -12.22 -3.60 -0.63
C VAL A 473 -13.39 -3.04 0.18
N LEU A 474 -13.72 -1.76 -0.04
CA LEU A 474 -14.83 -1.15 0.67
C LEU A 474 -16.06 -1.04 -0.23
N THR A 475 -17.20 -1.47 0.31
CA THR A 475 -18.43 -1.58 -0.44
C THR A 475 -19.61 -1.03 0.35
N ARG A 476 -20.53 -0.35 -0.34
CA ARG A 476 -21.77 0.06 0.31
C ARG A 476 -22.81 -1.03 0.07
N LEU A 477 -23.45 -1.46 1.15
CA LEU A 477 -24.43 -2.55 1.07
C LEU A 477 -25.86 -2.02 1.09
N THR A 478 -26.63 -2.39 0.08
CA THR A 478 -28.02 -1.94 -0.02
C THR A 478 -28.99 -3.02 0.44
N ILE A 479 -29.82 -2.67 1.42
CA ILE A 479 -30.74 -3.61 2.04
C ILE A 479 -32.19 -3.20 1.87
N THR A 480 -33.02 -4.10 1.35
CA THR A 480 -34.44 -3.85 1.18
C THR A 480 -35.29 -4.86 1.93
N PRO B 31 10.30 11.31 16.95
CA PRO B 31 10.73 12.49 16.20
C PRO B 31 10.86 12.21 14.70
N LEU B 32 10.88 13.27 13.91
CA LEU B 32 10.97 13.13 12.46
C LEU B 32 12.42 13.28 12.06
N VAL B 33 13.14 12.16 12.04
CA VAL B 33 14.54 12.16 11.65
C VAL B 33 14.93 10.76 11.20
N ASN B 34 15.72 10.68 10.14
CA ASN B 34 16.17 9.40 9.64
C ASN B 34 17.14 8.75 10.60
N ASP B 35 17.28 7.43 10.48
CA ASP B 35 18.32 6.70 11.20
C ASP B 35 19.67 7.32 10.85
N LEU B 36 20.54 7.45 11.85
CA LEU B 36 21.77 8.23 11.72
C LEU B 36 22.70 7.78 10.59
N ARG B 37 22.60 6.52 10.19
CA ARG B 37 23.49 5.99 9.16
C ARG B 37 23.19 6.51 7.77
N PHE B 38 22.03 7.13 7.60
CA PHE B 38 21.65 7.67 6.29
C PHE B 38 21.72 9.19 6.19
N ILE B 39 21.84 9.88 7.33
CA ILE B 39 21.72 11.33 7.32
C ILE B 39 22.88 11.98 6.59
N ASN B 40 24.04 11.33 6.60
CA ASN B 40 25.21 11.84 5.89
C ASN B 40 25.39 11.20 4.53
N GLY B 41 24.49 10.27 4.18
CA GLY B 41 24.55 9.61 2.89
C GLY B 41 23.46 10.06 1.92
N ILE B 42 22.82 11.17 2.24
CA ILE B 42 21.70 11.67 1.44
C ILE B 42 22.10 12.95 0.68
N ASN B 43 21.69 13.04 -0.58
CA ASN B 43 21.99 14.18 -1.46
C ASN B 43 23.49 14.39 -1.60
N LYS B 44 24.21 13.29 -1.81
CA LYS B 44 25.65 13.32 -2.01
C LYS B 44 25.98 12.65 -3.34
N PHE B 45 27.09 13.04 -3.94
CA PHE B 45 27.58 12.30 -5.10
C PHE B 45 28.27 11.05 -4.60
N ILE B 46 27.73 9.90 -4.97
CA ILE B 46 28.19 8.62 -4.43
C ILE B 46 29.55 8.24 -5.02
N ILE B 47 29.76 8.58 -6.28
CA ILE B 47 31.04 8.36 -6.94
C ILE B 47 31.71 9.69 -7.26
N GLU B 48 32.73 10.03 -6.47
CA GLU B 48 33.51 11.25 -6.68
C GLU B 48 34.81 10.93 -7.42
N ASP B 49 34.94 9.65 -7.79
CA ASP B 49 36.18 9.11 -8.34
C ASP B 49 36.70 9.81 -9.60
N TYR B 50 35.77 10.19 -10.48
CA TYR B 50 36.07 10.67 -11.83
C TYR B 50 36.60 9.52 -12.69
N ALA B 51 36.74 8.34 -12.11
CA ALA B 51 37.26 7.18 -12.81
C ALA B 51 36.14 6.30 -13.35
N THR B 52 36.52 5.28 -14.10
CA THR B 52 35.56 4.35 -14.70
C THR B 52 35.11 3.30 -13.69
N HIS B 53 33.88 2.83 -13.85
CA HIS B 53 33.31 1.84 -12.93
C HIS B 53 32.42 0.84 -13.64
N ASP B 54 32.22 -0.31 -12.99
CA ASP B 54 31.23 -1.28 -13.45
C ASP B 54 30.14 -1.38 -12.39
N PHE B 55 28.95 -1.82 -12.82
CA PHE B 55 27.80 -1.77 -11.93
C PHE B 55 27.01 -3.07 -11.93
N SER B 56 26.37 -3.35 -10.79
CA SER B 56 25.41 -4.44 -10.70
C SER B 56 24.19 -4.01 -9.89
N ILE B 57 23.00 -4.22 -10.44
CA ILE B 57 21.78 -3.83 -9.75
C ILE B 57 21.17 -5.03 -9.02
N GLY B 58 21.10 -4.94 -7.69
CA GLY B 58 20.59 -6.02 -6.88
C GLY B 58 19.12 -6.28 -7.11
N HIS B 59 18.66 -7.42 -6.62
CA HIS B 59 17.25 -7.79 -6.70
C HIS B 59 16.43 -6.92 -5.75
N PRO B 60 15.14 -6.73 -6.05
CA PRO B 60 14.24 -5.95 -5.19
C PRO B 60 14.23 -6.45 -3.75
N LEU B 61 14.35 -5.53 -2.80
CA LEU B 61 14.32 -5.84 -1.38
C LEU B 61 12.91 -5.70 -0.83
N ASN B 62 12.39 -6.78 -0.24
CA ASN B 62 10.98 -6.77 0.18
C ASN B 62 10.77 -6.06 1.51
N MET B 63 9.74 -5.21 1.53
CA MET B 63 9.32 -4.51 2.72
C MET B 63 7.88 -4.04 2.54
N PRO B 64 7.25 -3.52 3.61
CA PRO B 64 5.93 -2.92 3.39
C PRO B 64 6.05 -1.65 2.54
N SER B 65 5.25 -1.56 1.48
CA SER B 65 5.32 -0.42 0.58
C SER B 65 4.72 0.79 1.26
N PHE B 66 5.39 1.93 1.14
CA PHE B 66 4.90 3.15 1.77
C PHE B 66 3.97 3.91 0.84
N ILE B 67 3.79 3.39 -0.37
CA ILE B 67 2.89 3.98 -1.34
C ILE B 67 1.63 3.15 -1.47
N PRO B 68 0.50 3.70 -1.00
CA PRO B 68 -0.79 3.00 -1.02
C PRO B 68 -1.31 2.76 -2.43
N THR B 69 -1.96 1.63 -2.61
CA THR B 69 -2.51 1.27 -3.91
C THR B 69 -3.97 1.69 -3.95
N ALA B 70 -4.62 1.53 -5.10
CA ALA B 70 -6.06 1.79 -5.18
C ALA B 70 -6.80 0.62 -4.56
N THR B 71 -8.01 0.86 -4.05
CA THR B 71 -8.81 -0.23 -3.50
C THR B 71 -9.87 -0.75 -4.48
N SER B 72 -9.85 -0.24 -5.71
CA SER B 72 -10.81 -0.69 -6.73
C SER B 72 -10.10 -1.06 -8.02
N PRO B 73 -10.71 -1.96 -8.81
CA PRO B 73 -10.12 -2.42 -10.08
C PRO B 73 -10.04 -1.34 -11.16
N ASN B 74 -11.01 -0.43 -11.19
CA ASN B 74 -11.03 0.64 -12.20
C ASN B 74 -10.60 2.01 -11.69
N GLY B 75 -10.30 2.13 -10.40
CA GLY B 75 -9.96 3.41 -9.81
C GLY B 75 -8.54 3.87 -10.10
N CYS B 76 -8.35 5.17 -10.23
CA CYS B 76 -7.06 5.71 -10.67
C CYS B 76 -6.17 6.19 -9.51
N THR B 77 -4.89 5.83 -9.56
CA THR B 77 -3.87 6.45 -8.71
C THR B 77 -2.64 6.73 -9.56
N ARG B 78 -2.27 7.99 -9.70
CA ARG B 78 -1.18 8.35 -10.61
C ARG B 78 -0.37 9.55 -10.17
N ILE B 79 0.63 9.89 -10.99
CA ILE B 79 1.45 11.10 -10.84
C ILE B 79 2.17 11.19 -9.49
N PRO B 80 3.18 10.34 -9.29
CA PRO B 80 3.94 10.35 -8.03
C PRO B 80 4.95 11.49 -7.94
N SER B 81 5.14 11.99 -6.72
CA SER B 81 6.17 12.99 -6.46
C SER B 81 6.84 12.63 -5.14
N PHE B 82 8.16 12.48 -5.17
CA PHE B 82 8.90 12.00 -4.00
C PHE B 82 10.17 12.80 -3.76
N SER B 83 10.42 13.14 -2.50
CA SER B 83 11.67 13.80 -2.12
C SER B 83 12.23 13.25 -0.83
N LEU B 84 13.45 12.73 -0.88
CA LEU B 84 14.14 12.27 0.32
C LEU B 84 15.10 13.35 0.83
N GLY B 85 14.78 13.92 1.98
CA GLY B 85 15.63 14.95 2.56
C GLY B 85 16.58 14.33 3.55
N LYS B 86 17.42 15.18 4.15
CA LYS B 86 18.41 14.73 5.11
C LYS B 86 17.75 14.06 6.31
N THR B 87 16.75 14.74 6.89
CA THR B 87 16.09 14.22 8.08
C THR B 87 14.82 13.40 7.80
N HIS B 88 14.23 13.55 6.62
CA HIS B 88 13.01 12.79 6.31
C HIS B 88 12.63 12.84 4.85
N TRP B 89 11.56 12.14 4.50
CA TRP B 89 11.06 12.13 3.14
C TRP B 89 9.60 12.55 3.07
N CYS B 90 9.24 13.10 1.91
CA CYS B 90 7.87 13.50 1.59
C CYS B 90 7.42 12.82 0.30
N TYR B 91 6.14 12.48 0.23
CA TYR B 91 5.59 11.83 -0.95
C TYR B 91 4.15 12.27 -1.22
N THR B 92 3.76 12.31 -2.49
CA THR B 92 2.37 12.56 -2.84
C THR B 92 1.97 11.92 -4.17
N HIS B 93 0.70 11.56 -4.32
CA HIS B 93 0.17 11.25 -5.64
C HIS B 93 -1.33 11.49 -5.70
N ASN B 94 -1.88 11.50 -6.92
CA ASN B 94 -3.28 11.82 -7.16
C ASN B 94 -4.17 10.58 -7.20
N VAL B 95 -5.34 10.68 -6.56
CA VAL B 95 -6.27 9.56 -6.45
C VAL B 95 -7.65 9.95 -7.02
N ILE B 96 -8.19 9.11 -7.90
CA ILE B 96 -9.51 9.34 -8.50
C ILE B 96 -10.42 8.12 -8.33
N ASN B 97 -11.67 8.36 -7.94
CA ASN B 97 -12.63 7.28 -7.70
C ASN B 97 -13.25 6.77 -9.01
N ALA B 98 -12.83 7.36 -10.12
CA ALA B 98 -13.29 6.91 -11.43
C ALA B 98 -12.10 6.61 -12.33
N ASN B 99 -12.39 6.34 -13.59
CA ASN B 99 -11.37 6.12 -14.60
C ASN B 99 -10.43 7.32 -14.69
N CYS B 100 -9.16 7.07 -15.04
CA CYS B 100 -8.18 8.15 -15.15
C CYS B 100 -8.61 9.19 -16.19
N LYS B 101 -9.45 8.78 -17.13
CA LYS B 101 -10.00 9.68 -18.14
C LYS B 101 -11.01 10.66 -17.54
N ASP B 102 -11.38 10.45 -16.28
CA ASP B 102 -12.30 11.34 -15.59
C ASP B 102 -11.50 12.39 -14.82
N HIS B 103 -11.52 13.62 -15.33
CA HIS B 103 -10.71 14.70 -14.77
C HIS B 103 -11.52 15.64 -13.89
N THR B 104 -12.81 15.34 -13.71
CA THR B 104 -13.70 16.18 -12.92
C THR B 104 -13.24 16.31 -11.47
N SER B 105 -12.96 15.17 -10.83
CA SER B 105 -12.70 15.14 -9.39
C SER B 105 -11.50 14.28 -9.03
N SER B 106 -10.78 14.68 -7.98
CA SER B 106 -9.64 13.93 -7.48
C SER B 106 -9.28 14.36 -6.06
N ASN B 107 -8.50 13.52 -5.40
CA ASN B 107 -7.99 13.80 -4.07
C ASN B 107 -6.49 13.58 -4.07
N GLN B 108 -5.81 14.06 -3.04
CA GLN B 108 -4.35 14.02 -3.05
C GLN B 108 -3.82 13.30 -1.83
N TYR B 109 -3.13 12.19 -2.05
CA TYR B 109 -2.48 11.47 -0.96
C TYR B 109 -1.12 12.08 -0.68
N ILE B 110 -0.92 12.51 0.55
CA ILE B 110 0.36 13.06 0.99
C ILE B 110 0.84 12.30 2.21
N SER B 111 2.14 11.99 2.25
CA SER B 111 2.69 11.36 3.44
C SER B 111 4.11 11.84 3.69
N MET B 112 4.55 11.71 4.94
CA MET B 112 5.92 12.02 5.29
C MET B 112 6.44 10.98 6.27
N GLY B 113 7.72 10.68 6.17
CA GLY B 113 8.29 9.65 7.02
C GLY B 113 9.80 9.63 7.09
N ILE B 114 10.35 8.53 7.62
CA ILE B 114 11.78 8.41 7.82
C ILE B 114 12.33 7.11 7.25
N LEU B 115 13.65 7.02 7.21
CA LEU B 115 14.34 5.80 6.87
C LEU B 115 14.69 5.03 8.14
N VAL B 116 14.31 3.76 8.20
CA VAL B 116 14.60 2.92 9.35
C VAL B 116 15.25 1.62 8.92
N GLN B 117 16.35 1.25 9.56
CA GLN B 117 17.02 -0.02 9.28
C GLN B 117 16.22 -1.20 9.83
N THR B 118 16.18 -2.29 9.07
CA THR B 118 15.47 -3.48 9.49
C THR B 118 16.45 -4.64 9.70
N ALA B 119 16.03 -5.64 10.47
CA ALA B 119 16.83 -6.83 10.71
C ALA B 119 17.03 -7.63 9.42
N SER B 120 16.26 -7.29 8.38
CA SER B 120 16.39 -7.93 7.07
C SER B 120 17.71 -7.53 6.40
N GLY B 121 18.32 -6.47 6.90
CA GLY B 121 19.62 -6.03 6.40
C GLY B 121 19.60 -4.78 5.54
N TYR B 122 18.41 -4.19 5.38
CA TYR B 122 18.28 -3.00 4.55
C TYR B 122 17.25 -2.05 5.15
N PRO B 123 17.33 -0.75 4.78
CA PRO B 123 16.38 0.24 5.30
C PRO B 123 14.95 0.04 4.80
N MET B 124 14.04 0.72 5.47
CA MET B 124 12.64 0.68 5.10
C MET B 124 12.06 2.09 5.24
N PHE B 125 11.09 2.42 4.39
CA PHE B 125 10.45 3.72 4.47
C PHE B 125 9.26 3.65 5.42
N LYS B 126 9.39 4.31 6.56
CA LYS B 126 8.35 4.28 7.58
C LYS B 126 7.56 5.58 7.58
N THR B 127 6.26 5.46 7.32
CA THR B 127 5.39 6.63 7.28
C THR B 127 5.05 7.09 8.68
N LEU B 128 5.46 8.31 9.02
CA LEU B 128 5.09 8.91 10.29
C LEU B 128 3.77 9.67 10.24
N LYS B 129 3.52 10.38 9.14
CA LYS B 129 2.32 11.21 9.06
C LYS B 129 1.62 11.14 7.71
N ILE B 130 0.30 10.98 7.75
CA ILE B 130 -0.51 10.90 6.53
C ILE B 130 -1.52 12.04 6.47
N GLN B 131 -1.61 12.66 5.30
CA GLN B 131 -2.63 13.67 5.04
C GLN B 131 -3.32 13.37 3.72
N TYR B 132 -4.61 13.04 3.78
CA TYR B 132 -5.38 12.79 2.56
C TYR B 132 -6.28 13.98 2.27
N LEU B 133 -5.96 14.74 1.24
CA LEU B 133 -6.74 15.92 0.92
C LEU B 133 -7.89 15.54 0.01
N SER B 134 -9.09 15.47 0.59
CA SER B 134 -10.32 15.35 -0.17
C SER B 134 -11.31 16.40 0.34
N ASP B 135 -11.31 17.57 -0.30
CA ASP B 135 -12.27 18.63 0.01
C ASP B 135 -13.23 18.87 -1.14
N GLY B 136 -13.04 18.16 -2.25
CA GLY B 136 -13.79 18.42 -3.45
C GLY B 136 -13.09 19.40 -4.38
N LEU B 137 -11.97 19.95 -3.91
CA LEU B 137 -11.13 20.80 -4.73
C LEU B 137 -10.23 19.92 -5.59
N ASN B 138 -10.21 20.16 -6.89
CA ASN B 138 -9.47 19.29 -7.80
C ASN B 138 -8.04 19.81 -7.99
N ARG B 139 -7.10 19.15 -7.33
CA ARG B 139 -5.71 19.58 -7.36
C ARG B 139 -4.91 18.61 -8.20
N LYS B 140 -4.16 19.15 -9.16
CA LYS B 140 -3.54 18.33 -10.19
C LYS B 140 -2.08 18.70 -10.39
N SER B 141 -1.31 17.74 -10.89
CA SER B 141 0.08 17.96 -11.28
C SER B 141 0.96 18.40 -10.09
N CYS B 142 0.59 18.00 -8.89
CA CYS B 142 1.25 18.45 -7.67
C CYS B 142 2.71 18.03 -7.52
N SER B 143 3.56 18.98 -7.16
CA SER B 143 4.96 18.70 -6.81
C SER B 143 5.17 18.82 -5.30
N ILE B 144 5.99 17.94 -4.73
CA ILE B 144 6.23 17.99 -3.29
C ILE B 144 7.69 18.29 -2.97
N ALA B 145 7.93 18.87 -1.80
CA ALA B 145 9.28 19.24 -1.37
C ALA B 145 9.43 19.03 0.13
N THR B 146 10.58 18.52 0.54
CA THR B 146 10.89 18.36 1.94
C THR B 146 11.32 19.70 2.55
N VAL B 147 10.61 20.11 3.58
CA VAL B 147 10.89 21.38 4.24
C VAL B 147 11.08 21.11 5.74
N PRO B 148 11.67 22.08 6.48
CA PRO B 148 11.85 21.84 7.91
C PRO B 148 10.54 21.47 8.62
N ASP B 149 10.58 20.35 9.32
CA ASP B 149 9.43 19.80 10.05
C ASP B 149 8.23 19.45 9.17
N GLY B 150 8.44 19.17 7.88
CA GLY B 150 7.32 18.78 7.06
C GLY B 150 7.48 18.78 5.56
N CYS B 151 6.35 18.94 4.86
CA CYS B 151 6.33 18.97 3.40
C CYS B 151 5.66 20.23 2.87
N ALA B 152 6.05 20.63 1.67
CA ALA B 152 5.38 21.69 0.94
C ALA B 152 4.91 21.14 -0.40
N MET B 153 3.69 21.47 -0.79
CA MET B 153 3.15 20.98 -2.05
C MET B 153 2.66 22.14 -2.92
N TYR B 154 3.05 22.10 -4.18
CA TYR B 154 2.65 23.08 -5.18
C TYR B 154 1.69 22.42 -6.15
N CYS B 155 0.48 22.96 -6.22
CA CYS B 155 -0.57 22.40 -7.08
C CYS B 155 -1.23 23.47 -7.93
N TYR B 156 -2.05 23.04 -8.88
CA TYR B 156 -2.98 23.94 -9.55
C TYR B 156 -4.37 23.31 -9.52
N VAL B 157 -5.41 24.14 -9.51
CA VAL B 157 -6.77 23.61 -9.49
C VAL B 157 -7.30 23.45 -10.92
N SER B 158 -7.62 22.22 -11.29
CA SER B 158 -8.03 21.92 -12.66
C SER B 158 -9.55 21.97 -12.82
N THR B 159 -10.03 22.99 -13.52
CA THR B 159 -11.45 23.13 -13.80
C THR B 159 -11.85 22.76 -15.23
N GLN B 160 -10.86 22.46 -16.08
CA GLN B 160 -11.13 22.27 -17.49
C GLN B 160 -10.02 21.49 -18.19
N LEU B 161 -10.19 21.28 -19.49
CA LEU B 161 -9.21 20.55 -20.30
C LEU B 161 -7.92 21.33 -20.44
N GLU B 162 -6.81 20.61 -20.58
CA GLU B 162 -5.50 21.23 -20.72
C GLU B 162 -5.40 22.07 -21.99
N THR B 163 -6.08 21.63 -23.04
CA THR B 163 -6.09 22.37 -24.30
C THR B 163 -6.89 23.66 -24.15
N ASP B 164 -8.01 23.59 -23.42
CA ASP B 164 -8.78 24.77 -23.09
C ASP B 164 -7.95 25.71 -22.23
N ASP B 165 -7.13 25.11 -21.36
CA ASP B 165 -6.21 25.85 -20.52
C ASP B 165 -5.24 26.67 -21.36
N TYR B 166 -4.54 26.00 -22.28
CA TYR B 166 -3.57 26.68 -23.14
C TYR B 166 -4.23 27.67 -24.10
N ALA B 167 -5.50 27.42 -24.42
CA ALA B 167 -6.23 28.30 -25.33
C ALA B 167 -6.61 29.61 -24.66
N GLY B 168 -6.92 29.53 -23.37
CA GLY B 168 -7.34 30.69 -22.61
C GLY B 168 -6.23 31.72 -22.42
N SER B 169 -6.62 32.92 -21.99
CA SER B 169 -5.64 33.97 -21.69
C SER B 169 -5.36 34.08 -20.19
N SER B 170 -6.10 33.29 -19.40
CA SER B 170 -6.01 33.39 -17.94
C SER B 170 -5.54 32.09 -17.28
N PRO B 171 -4.42 32.15 -16.54
CA PRO B 171 -3.87 31.01 -15.80
C PRO B 171 -4.84 30.48 -14.75
N PRO B 172 -4.78 29.17 -14.47
CA PRO B 172 -5.64 28.57 -13.46
C PRO B 172 -5.18 28.92 -12.06
N THR B 173 -5.92 28.51 -11.04
CA THR B 173 -5.59 28.85 -9.66
C THR B 173 -4.37 28.06 -9.19
N GLN B 174 -3.36 28.79 -8.70
CA GLN B 174 -2.14 28.18 -8.19
C GLN B 174 -2.20 28.08 -6.68
N LYS B 175 -1.92 26.88 -6.17
CA LYS B 175 -2.02 26.62 -4.74
C LYS B 175 -0.69 26.19 -4.12
N LEU B 176 -0.39 26.77 -2.95
CA LEU B 176 0.77 26.39 -2.16
C LEU B 176 0.32 25.92 -0.78
N THR B 177 0.59 24.65 -0.47
CA THR B 177 0.18 24.12 0.83
C THR B 177 1.36 23.63 1.67
N LEU B 178 1.28 23.89 2.96
CA LEU B 178 2.31 23.49 3.90
C LEU B 178 1.72 22.49 4.88
N LEU B 179 2.31 21.31 4.94
CA LEU B 179 1.83 20.28 5.86
C LEU B 179 2.93 19.94 6.85
N PHE B 180 2.65 20.13 8.14
CA PHE B 180 3.69 19.98 9.15
C PHE B 180 3.46 18.75 10.01
N TYR B 181 4.53 18.24 10.60
CA TYR B 181 4.48 17.05 11.43
C TYR B 181 3.57 17.25 12.66
N ASN B 182 3.33 18.51 13.03
CA ASN B 182 2.48 18.82 14.17
C ASN B 182 1.01 18.90 13.75
N ASP B 183 0.76 18.47 12.51
CA ASP B 183 -0.58 18.26 11.96
C ASP B 183 -1.18 19.57 11.44
N THR B 184 -0.45 20.67 11.60
CA THR B 184 -0.88 21.93 11.00
C THR B 184 -0.83 21.85 9.48
N VAL B 185 -1.92 22.26 8.84
CA VAL B 185 -1.95 22.33 7.38
C VAL B 185 -2.48 23.69 6.92
N THR B 186 -1.69 24.37 6.09
CA THR B 186 -2.03 25.73 5.68
C THR B 186 -1.95 25.88 4.16
N GLU B 187 -3.04 26.30 3.53
CA GLU B 187 -3.05 26.44 2.08
C GLU B 187 -3.35 27.86 1.63
N ARG B 188 -2.62 28.29 0.60
CA ARG B 188 -2.78 29.64 0.05
C ARG B 188 -2.89 29.63 -1.46
N THR B 189 -3.66 30.57 -2.01
CA THR B 189 -3.62 30.85 -3.43
C THR B 189 -2.48 31.82 -3.69
N ILE B 190 -1.68 31.55 -4.70
CA ILE B 190 -0.54 32.42 -4.98
C ILE B 190 -0.59 33.01 -6.38
N SER B 191 0.00 34.19 -6.52
CA SER B 191 0.16 34.84 -7.82
C SER B 191 1.58 35.37 -7.93
N PRO B 192 2.53 34.48 -8.30
CA PRO B 192 3.96 34.81 -8.37
C PRO B 192 4.25 35.98 -9.30
N THR B 193 5.31 36.73 -8.99
CA THR B 193 5.73 37.84 -9.82
C THR B 193 6.14 37.31 -11.20
N GLY B 194 5.57 37.90 -12.25
CA GLY B 194 5.87 37.49 -13.61
C GLY B 194 4.76 36.66 -14.24
N LEU B 195 3.82 36.19 -13.41
CA LEU B 195 2.73 35.36 -13.90
C LEU B 195 1.69 36.18 -14.64
N GLU B 196 1.08 37.15 -13.96
CA GLU B 196 -0.04 37.91 -14.51
C GLU B 196 0.29 38.59 -15.83
N GLY B 197 -0.51 38.28 -16.85
CA GLY B 197 -0.38 38.91 -18.15
C GLY B 197 0.58 38.23 -19.12
N ASN B 198 1.54 37.47 -18.59
CA ASN B 198 2.53 36.82 -19.43
C ASN B 198 2.21 35.37 -19.78
N TRP B 199 1.21 34.79 -19.11
CA TRP B 199 0.97 33.35 -19.22
C TRP B 199 -0.48 32.98 -19.50
N ALA B 200 -0.68 32.04 -20.42
CA ALA B 200 -1.98 31.43 -20.64
C ALA B 200 -2.29 30.45 -19.51
N THR B 201 -1.33 29.59 -19.22
CA THR B 201 -1.41 28.66 -18.08
C THR B 201 -0.05 28.36 -17.48
N LEU B 202 -0.07 27.93 -16.22
CA LEU B 202 1.12 27.45 -15.54
C LEU B 202 0.74 26.33 -14.58
N VAL B 203 1.53 25.26 -14.59
CA VAL B 203 1.31 24.14 -13.68
C VAL B 203 2.64 23.66 -13.11
N PRO B 204 2.60 23.04 -11.92
CA PRO B 204 3.81 22.42 -11.36
C PRO B 204 4.32 21.28 -12.23
N GLY B 205 5.63 21.04 -12.19
CA GLY B 205 6.27 20.08 -13.08
C GLY B 205 6.28 18.64 -12.58
N VAL B 206 5.50 18.39 -11.53
CA VAL B 206 5.23 17.06 -10.98
C VAL B 206 6.41 16.43 -10.23
N GLY B 207 7.63 16.81 -10.61
CA GLY B 207 8.80 16.27 -9.95
C GLY B 207 9.04 17.09 -8.71
N SER B 208 9.75 16.51 -7.74
CA SER B 208 9.98 17.18 -6.47
C SER B 208 10.75 18.47 -6.63
N GLY B 209 10.48 19.42 -5.73
CA GLY B 209 11.26 20.64 -5.63
C GLY B 209 12.21 20.51 -4.46
N ILE B 210 12.95 21.57 -4.15
CA ILE B 210 13.89 21.53 -3.03
C ILE B 210 13.88 22.77 -2.15
N TYR B 211 14.38 22.60 -0.93
CA TYR B 211 14.59 23.71 -0.02
C TYR B 211 16.09 23.95 0.11
N PHE B 212 16.58 25.06 -0.41
CA PHE B 212 18.00 25.35 -0.30
C PHE B 212 18.24 26.85 -0.18
N GLU B 213 19.16 27.21 0.72
CA GLU B 213 19.46 28.61 1.05
C GLU B 213 18.20 29.43 1.31
N ASN B 214 17.36 28.93 2.22
CA ASN B 214 16.13 29.60 2.62
C ASN B 214 15.18 29.83 1.43
N LYS B 215 15.35 29.04 0.38
CA LYS B 215 14.53 29.15 -0.81
C LYS B 215 13.78 27.86 -1.10
N LEU B 216 12.50 28.00 -1.38
CA LEU B 216 11.67 26.88 -1.80
C LEU B 216 11.55 26.95 -3.32
N ILE B 217 12.11 25.97 -4.01
CA ILE B 217 12.14 26.01 -5.47
C ILE B 217 11.42 24.81 -6.09
N PHE B 218 10.40 25.10 -6.89
CA PHE B 218 9.61 24.08 -7.57
C PHE B 218 9.79 24.17 -9.09
N PRO B 219 9.74 23.01 -9.76
CA PRO B 219 9.69 22.97 -11.23
C PRO B 219 8.29 23.33 -11.73
N ALA B 220 8.22 23.97 -12.89
CA ALA B 220 6.93 24.37 -13.46
C ALA B 220 7.04 24.47 -14.97
N TYR B 221 5.90 24.48 -15.65
CA TYR B 221 5.87 24.71 -17.09
C TYR B 221 4.47 25.17 -17.51
N GLY B 222 4.37 25.78 -18.68
CA GLY B 222 3.07 26.22 -19.17
C GLY B 222 3.13 27.00 -20.46
N GLY B 223 1.98 27.50 -20.90
CA GLY B 223 1.91 28.31 -22.10
C GLY B 223 2.21 29.78 -21.88
N VAL B 224 2.94 30.37 -22.82
CA VAL B 224 3.29 31.78 -22.75
C VAL B 224 2.63 32.52 -23.90
N LEU B 225 1.96 33.61 -23.57
CA LEU B 225 1.34 34.49 -24.55
C LEU B 225 2.40 35.18 -25.40
N PRO B 226 2.43 34.88 -26.70
CA PRO B 226 3.49 35.38 -27.60
C PRO B 226 3.47 36.90 -27.78
N ASN B 227 2.34 37.53 -27.49
CA ASN B 227 2.22 38.98 -27.64
C ASN B 227 2.52 39.75 -26.36
N SER B 228 2.89 39.03 -25.30
CA SER B 228 3.20 39.66 -24.03
C SER B 228 4.65 40.13 -23.98
N THR B 229 5.03 40.70 -22.83
CA THR B 229 6.40 41.18 -22.65
C THR B 229 7.39 40.04 -22.70
N LEU B 230 7.14 39.00 -21.90
CA LEU B 230 7.97 37.80 -21.89
C LEU B 230 7.96 37.13 -23.25
N GLY B 231 6.79 37.09 -23.87
CA GLY B 231 6.62 36.48 -25.17
C GLY B 231 7.46 37.10 -26.26
N VAL B 232 7.52 38.43 -26.29
CA VAL B 232 8.32 39.12 -27.30
C VAL B 232 9.79 39.12 -26.93
N LYS B 233 10.08 39.11 -25.64
CA LYS B 233 11.47 39.07 -25.17
C LYS B 233 12.11 37.71 -25.45
N SER B 234 11.31 36.66 -25.37
CA SER B 234 11.80 35.30 -25.53
C SER B 234 11.68 34.76 -26.95
N ALA B 235 11.17 35.58 -27.86
CA ALA B 235 11.12 35.20 -29.27
C ALA B 235 12.54 35.05 -29.79
N ARG B 236 12.70 34.25 -30.85
CA ARG B 236 14.00 33.98 -31.50
C ARG B 236 14.86 33.02 -30.66
N GLU B 237 14.49 32.82 -29.39
CA GLU B 237 15.23 31.91 -28.51
C GLU B 237 14.89 30.45 -28.80
N PHE B 238 15.92 29.63 -28.99
CA PHE B 238 15.71 28.21 -29.22
C PHE B 238 16.96 27.40 -28.90
N PHE B 239 16.77 26.10 -28.71
CA PHE B 239 17.89 25.20 -28.42
C PHE B 239 17.77 23.97 -29.30
N ARG B 240 18.85 23.61 -29.98
CA ARG B 240 18.83 22.45 -30.87
C ARG B 240 19.98 21.50 -30.55
N PRO B 241 19.72 20.51 -29.67
CA PRO B 241 20.72 19.49 -29.33
C PRO B 241 21.03 18.60 -30.52
N VAL B 242 22.29 18.22 -30.68
CA VAL B 242 22.70 17.30 -31.74
C VAL B 242 23.47 16.12 -31.17
N ASN B 243 23.02 14.91 -31.51
CA ASN B 243 23.73 13.70 -31.11
C ASN B 243 24.83 13.40 -32.11
N PRO B 244 26.09 13.53 -31.69
CA PRO B 244 27.26 13.35 -32.57
C PRO B 244 27.30 11.97 -33.20
N TYR B 245 26.75 10.97 -32.51
CA TYR B 245 26.74 9.59 -33.01
C TYR B 245 25.45 9.29 -33.77
N ASN B 246 24.48 10.19 -33.67
CA ASN B 246 23.24 10.06 -34.45
C ASN B 246 22.68 11.42 -34.87
N PRO B 247 23.39 12.12 -35.77
CA PRO B 247 23.00 13.49 -36.15
C PRO B 247 21.76 13.54 -37.03
N CYS B 248 21.11 14.69 -37.06
CA CYS B 248 20.00 14.93 -37.96
C CYS B 248 20.50 15.61 -39.23
N SER B 249 20.19 15.03 -40.38
CA SER B 249 20.67 15.55 -41.65
C SER B 249 19.86 16.77 -42.09
N GLY B 250 20.56 17.85 -42.43
CA GLY B 250 19.91 19.05 -42.93
C GLY B 250 20.78 20.29 -42.76
N PRO B 251 20.34 21.40 -43.36
CA PRO B 251 21.04 22.69 -43.22
C PRO B 251 20.85 23.27 -41.84
N GLN B 252 21.84 23.99 -41.33
CA GLN B 252 21.75 24.57 -40.00
C GLN B 252 20.55 25.49 -39.83
N GLN B 253 20.36 26.39 -40.80
CA GLN B 253 19.32 27.42 -40.69
C GLN B 253 17.91 26.84 -40.69
N ASP B 254 17.68 25.84 -41.54
CA ASP B 254 16.37 25.21 -41.64
C ASP B 254 16.03 24.39 -40.40
N LEU B 255 17.00 23.59 -39.95
CA LEU B 255 16.83 22.82 -38.72
C LEU B 255 16.61 23.74 -37.53
N ASP B 256 17.29 24.89 -37.53
CA ASP B 256 17.15 25.87 -36.46
C ASP B 256 15.76 26.50 -36.49
N GLN B 257 15.27 26.79 -37.68
CA GLN B 257 13.92 27.34 -37.82
C GLN B 257 12.90 26.33 -37.31
N ARG B 258 13.10 25.05 -37.64
CA ARG B 258 12.20 24.01 -37.17
C ARG B 258 12.26 23.85 -35.65
N ALA B 259 13.47 23.99 -35.11
CA ALA B 259 13.67 23.92 -33.65
C ALA B 259 12.92 25.05 -32.95
N LEU B 260 12.99 26.25 -33.53
CA LEU B 260 12.27 27.38 -33.00
C LEU B 260 10.77 27.15 -33.06
N ARG B 261 10.32 26.57 -34.18
CA ARG B 261 8.89 26.34 -34.38
C ARG B 261 8.37 25.19 -33.53
N SER B 262 9.28 24.38 -32.98
CA SER B 262 8.86 23.25 -32.15
C SER B 262 8.33 23.70 -30.78
N TYR B 263 8.60 24.95 -30.42
CA TYR B 263 8.16 25.51 -29.14
C TYR B 263 6.70 25.97 -29.19
N PHE B 264 6.10 25.96 -30.37
CA PHE B 264 4.75 26.47 -30.55
C PHE B 264 3.81 25.43 -31.16
N PRO B 265 3.48 24.38 -30.40
CA PRO B 265 2.61 23.34 -30.94
C PRO B 265 1.20 23.86 -31.14
N SER B 266 0.58 23.51 -32.28
CA SER B 266 -0.78 23.96 -32.57
C SER B 266 -1.75 23.29 -31.61
N TYR B 267 -1.34 22.14 -31.08
CA TYR B 267 -2.11 21.42 -30.08
C TYR B 267 -2.41 22.31 -28.88
N PHE B 268 -1.43 23.13 -28.50
CA PHE B 268 -1.56 24.04 -27.37
C PHE B 268 -1.95 25.45 -27.80
N SER B 269 -2.42 25.57 -29.04
CA SER B 269 -2.87 26.84 -29.63
C SER B 269 -1.70 27.77 -29.88
N ASN B 270 -0.55 27.20 -30.20
CA ASN B 270 0.64 27.94 -30.61
C ASN B 270 1.15 28.94 -29.58
N ARG B 271 0.83 28.69 -28.31
CA ARG B 271 1.46 29.41 -27.22
C ARG B 271 2.91 28.97 -27.17
N ARG B 272 3.78 29.77 -26.56
CA ARG B 272 5.15 29.31 -26.39
C ARG B 272 5.25 28.45 -25.13
N VAL B 273 5.47 27.16 -25.30
CA VAL B 273 5.49 26.27 -24.15
C VAL B 273 6.84 26.37 -23.46
N GLN B 274 6.82 26.73 -22.19
CA GLN B 274 7.99 27.20 -21.47
C GLN B 274 8.14 26.56 -20.10
N SER B 275 9.36 26.16 -19.77
CA SER B 275 9.72 25.74 -18.42
C SER B 275 10.03 26.95 -17.55
N ALA B 276 9.64 26.87 -16.28
CA ALA B 276 9.89 27.95 -15.34
C ALA B 276 10.13 27.38 -13.94
N PHE B 277 10.67 28.21 -13.06
CA PHE B 277 10.88 27.82 -11.66
C PHE B 277 10.08 28.70 -10.72
N LEU B 278 9.29 28.08 -9.85
CA LEU B 278 8.62 28.83 -8.80
C LEU B 278 9.54 28.95 -7.60
N VAL B 279 9.93 30.17 -7.24
CA VAL B 279 10.84 30.37 -6.13
C VAL B 279 10.15 31.19 -5.03
N CYS B 280 10.16 30.65 -3.81
CA CYS B 280 9.47 31.27 -2.68
C CYS B 280 10.40 31.43 -1.50
N ALA B 281 10.37 32.60 -0.86
CA ALA B 281 11.18 32.83 0.33
C ALA B 281 10.57 32.09 1.51
N TRP B 282 11.36 31.25 2.16
CA TRP B 282 10.85 30.40 3.23
C TRP B 282 10.55 31.20 4.50
N ASN B 283 11.35 32.24 4.75
CA ASN B 283 11.10 33.12 5.89
C ASN B 283 9.75 33.82 5.79
N GLN B 284 9.43 34.28 4.59
CA GLN B 284 8.18 34.98 4.33
C GLN B 284 7.09 34.06 3.79
N ILE B 285 7.34 32.75 3.83
CA ILE B 285 6.53 31.76 3.10
C ILE B 285 5.02 31.88 3.33
N LEU B 286 4.62 32.49 4.44
CA LEU B 286 3.21 32.69 4.73
C LEU B 286 2.59 33.88 3.98
N VAL B 287 3.35 34.95 3.81
CA VAL B 287 2.85 36.13 3.08
C VAL B 287 3.41 36.37 1.67
N THR B 288 4.37 35.54 1.24
CA THR B 288 5.32 35.96 0.21
C THR B 288 4.82 36.07 -1.23
N ASN B 289 3.86 35.25 -1.63
CA ASN B 289 3.37 35.21 -3.01
C ASN B 289 4.41 34.71 -4.05
N CYS B 290 5.64 34.52 -3.57
CA CYS B 290 6.75 33.98 -4.37
C CYS B 290 7.12 34.73 -5.65
N GLU B 291 7.68 33.98 -6.60
CA GLU B 291 8.26 34.57 -7.80
C GLU B 291 8.43 33.53 -8.91
N LEU B 292 8.46 33.99 -10.15
CA LEU B 292 8.59 33.11 -11.30
C LEU B 292 9.89 33.42 -12.04
N VAL B 293 10.79 32.44 -12.08
CA VAL B 293 12.08 32.62 -12.73
C VAL B 293 12.15 31.79 -14.00
N VAL B 294 12.27 32.47 -15.13
CA VAL B 294 12.21 31.82 -16.44
C VAL B 294 13.58 31.75 -17.13
N PRO B 295 14.02 30.54 -17.48
CA PRO B 295 15.29 30.33 -18.19
C PRO B 295 15.21 30.70 -19.66
N SER B 296 16.35 31.08 -20.24
CA SER B 296 16.44 31.33 -21.67
C SER B 296 16.26 30.03 -22.44
N ASN B 297 15.44 30.07 -23.48
CA ASN B 297 15.21 28.88 -24.29
C ASN B 297 16.38 28.56 -25.20
N ASN B 298 17.39 29.42 -25.19
CA ASN B 298 18.67 29.10 -25.81
C ASN B 298 19.33 27.92 -25.10
N GLN B 299 19.10 27.83 -23.81
CA GLN B 299 19.70 26.79 -22.98
C GLN B 299 18.80 25.59 -22.68
N THR B 300 17.54 25.65 -23.11
CA THR B 300 16.58 24.61 -22.74
C THR B 300 15.53 24.32 -23.81
N LEU B 301 15.02 23.09 -23.82
CA LEU B 301 14.01 22.67 -24.79
C LEU B 301 12.63 23.16 -24.41
N MET B 302 11.63 22.73 -25.18
CA MET B 302 10.23 23.08 -24.92
C MET B 302 9.84 22.71 -23.50
N GLY B 303 9.10 23.62 -22.85
CA GLY B 303 8.68 23.43 -21.46
C GLY B 303 7.95 22.13 -21.20
N ALA B 304 8.22 21.53 -20.05
CA ALA B 304 7.65 20.23 -19.72
C ALA B 304 7.74 19.94 -18.23
N GLU B 305 7.23 18.79 -17.83
CA GLU B 305 7.40 18.31 -16.46
C GLU B 305 8.89 18.17 -16.16
N GLY B 306 9.26 18.34 -14.91
CA GLY B 306 10.67 18.25 -14.55
C GLY B 306 10.90 18.07 -13.07
N ARG B 307 12.17 18.06 -12.67
CA ARG B 307 12.52 17.86 -11.26
C ARG B 307 13.72 18.72 -10.89
N VAL B 308 13.71 19.26 -9.67
CA VAL B 308 14.86 20.00 -9.18
C VAL B 308 15.58 19.21 -8.11
N LEU B 309 16.90 19.04 -8.29
CA LEU B 309 17.72 18.29 -7.35
C LEU B 309 18.78 19.17 -6.70
N LEU B 310 19.11 18.87 -5.45
CA LEU B 310 20.26 19.48 -4.81
C LEU B 310 21.20 18.39 -4.31
N ILE B 311 22.35 18.25 -4.97
CA ILE B 311 23.31 17.22 -4.61
C ILE B 311 24.65 17.90 -4.38
N ASN B 312 25.33 17.49 -3.32
CA ASN B 312 26.33 18.34 -2.69
C ASN B 312 25.67 19.68 -2.42
N ASN B 313 26.30 20.76 -2.84
CA ASN B 313 25.63 22.05 -2.79
C ASN B 313 25.10 22.50 -4.15
N ARG B 314 25.24 21.66 -5.18
CA ARG B 314 24.91 22.08 -6.53
C ARG B 314 23.50 21.66 -6.97
N LEU B 315 22.86 22.53 -7.73
CA LEU B 315 21.50 22.31 -8.22
C LEU B 315 21.47 21.75 -9.63
N LEU B 316 20.57 20.80 -9.86
CA LEU B 316 20.37 20.23 -11.18
C LEU B 316 18.88 20.22 -11.53
N TYR B 317 18.59 20.16 -12.82
CA TYR B 317 17.22 20.18 -13.30
C TYR B 317 16.98 19.10 -14.35
N TYR B 318 16.12 18.14 -14.03
CA TYR B 318 15.69 17.17 -15.02
C TYR B 318 14.52 17.74 -15.79
N GLN B 319 14.52 17.55 -17.10
CA GLN B 319 13.39 17.95 -17.93
C GLN B 319 12.88 16.76 -18.74
N ARG B 320 11.60 16.46 -18.59
CA ARG B 320 10.97 15.42 -19.39
C ARG B 320 11.13 15.76 -20.88
N SER B 321 11.30 14.75 -21.73
CA SER B 321 11.40 15.01 -23.15
C SER B 321 10.03 14.86 -23.80
N THR B 322 9.29 15.97 -23.80
CA THR B 322 7.98 16.04 -24.42
C THR B 322 8.14 16.42 -25.88
N SER B 323 9.18 17.19 -26.15
CA SER B 323 9.47 17.68 -27.48
C SER B 323 10.16 16.59 -28.29
N TRP B 324 10.71 16.97 -29.44
CA TRP B 324 11.26 16.03 -30.41
C TRP B 324 12.54 15.30 -29.95
N TRP B 325 13.30 15.91 -29.05
CA TRP B 325 14.57 15.34 -28.59
C TRP B 325 14.31 14.15 -27.67
N PRO B 326 14.67 12.93 -28.13
CA PRO B 326 14.36 11.65 -27.50
C PRO B 326 15.19 11.29 -26.26
N TYR B 327 16.32 11.95 -26.05
CA TYR B 327 17.24 11.53 -24.99
C TYR B 327 16.97 12.22 -23.65
N GLU B 328 17.73 11.82 -22.63
CA GLU B 328 17.52 12.26 -21.26
C GLU B 328 18.06 13.67 -21.03
N LEU B 329 17.20 14.55 -20.54
CA LEU B 329 17.55 15.96 -20.36
C LEU B 329 17.88 16.29 -18.90
N LEU B 330 19.15 16.59 -18.65
CA LEU B 330 19.61 16.97 -17.32
C LEU B 330 20.52 18.20 -17.42
N TYR B 331 20.20 19.24 -16.67
CA TYR B 331 20.95 20.49 -16.70
C TYR B 331 21.58 20.78 -15.35
N GLU B 332 22.78 21.37 -15.36
CA GLU B 332 23.33 21.96 -14.15
C GLU B 332 22.86 23.39 -14.07
N ILE B 333 22.20 23.76 -12.97
CA ILE B 333 21.62 25.09 -12.91
C ILE B 333 22.15 25.91 -11.75
N SER B 334 22.11 27.23 -11.91
CA SER B 334 22.53 28.14 -10.84
C SER B 334 21.68 29.41 -10.92
N PHE B 335 21.37 29.98 -9.78
CA PHE B 335 20.48 31.13 -9.70
C PHE B 335 21.18 32.41 -9.29
N THR B 336 20.57 33.53 -9.69
CA THR B 336 21.01 34.85 -9.26
C THR B 336 19.75 35.45 -8.66
N PHE B 337 19.80 35.78 -7.37
CA PHE B 337 18.63 36.32 -6.71
C PHE B 337 18.78 37.82 -6.50
N THR B 338 17.81 38.57 -7.01
CA THR B 338 17.83 40.03 -6.92
C THR B 338 16.86 40.64 -5.92
N ASN B 339 15.97 39.82 -5.35
CA ASN B 339 14.97 40.28 -4.38
C ASN B 339 14.14 41.49 -4.85
N SER B 340 14.36 41.91 -6.10
CA SER B 340 13.66 43.04 -6.68
C SER B 340 12.75 42.60 -7.82
N GLY B 341 12.47 41.29 -7.88
CA GLY B 341 11.61 40.74 -8.91
C GLY B 341 12.31 40.48 -10.23
N GLN B 342 13.65 40.42 -10.19
CA GLN B 342 14.42 40.20 -11.40
C GLN B 342 15.45 39.09 -11.22
N SER B 343 15.04 37.97 -10.65
CA SER B 343 15.98 36.87 -10.46
C SER B 343 16.20 36.14 -11.77
N SER B 344 17.43 35.68 -11.98
CA SER B 344 17.76 34.95 -13.20
C SER B 344 18.21 33.53 -12.91
N VAL B 345 18.12 32.67 -13.91
CA VAL B 345 18.64 31.32 -13.80
C VAL B 345 19.48 30.98 -15.03
N ASN B 346 20.60 30.32 -14.79
CA ASN B 346 21.49 29.89 -15.84
C ASN B 346 21.62 28.38 -15.81
N MET B 347 21.51 27.73 -16.97
CA MET B 347 21.62 26.29 -17.01
C MET B 347 22.53 25.77 -18.11
N SER B 348 23.27 24.73 -17.79
CA SER B 348 24.22 24.11 -18.70
C SER B 348 23.82 22.66 -18.92
N TRP B 349 23.43 22.34 -20.15
CA TRP B 349 22.98 21.01 -20.50
C TRP B 349 24.10 19.98 -20.39
N ILE B 350 23.80 18.86 -19.76
CA ILE B 350 24.74 17.75 -19.70
C ILE B 350 24.53 16.83 -20.91
N PRO B 351 25.54 16.73 -21.77
CA PRO B 351 25.44 16.04 -23.07
C PRO B 351 25.21 14.54 -22.95
N ILE B 352 23.97 14.16 -22.70
CA ILE B 352 23.59 12.75 -22.56
C ILE B 352 22.84 12.23 -23.79
N TYR B 353 23.45 11.27 -24.48
CA TYR B 353 22.74 10.47 -25.47
C TYR B 353 23.07 9.00 -25.24
N SER B 354 22.14 8.27 -24.63
CA SER B 354 22.35 6.84 -24.41
C SER B 354 21.10 6.05 -24.74
N PHE B 355 20.07 6.18 -23.91
CA PHE B 355 18.81 5.51 -24.20
C PHE B 355 17.77 6.52 -24.64
N THR B 356 16.61 6.02 -25.03
CA THR B 356 15.59 6.86 -25.65
C THR B 356 14.23 6.62 -25.00
N ARG B 357 13.43 7.68 -24.90
CA ARG B 357 12.10 7.57 -24.31
C ARG B 357 11.07 7.27 -25.39
N PRO B 358 10.02 6.50 -25.02
CA PRO B 358 8.97 6.15 -25.98
C PRO B 358 8.09 7.34 -26.35
N GLY B 359 7.69 7.40 -27.62
CA GLY B 359 6.84 8.47 -28.10
C GLY B 359 5.96 7.99 -29.24
N SER B 360 5.06 8.85 -29.69
CA SER B 360 4.08 8.46 -30.70
C SER B 360 4.36 9.16 -32.03
N GLY B 361 4.02 8.47 -33.12
CA GLY B 361 4.17 9.03 -34.45
C GLY B 361 5.59 9.38 -34.85
N ASN B 362 5.80 10.63 -35.25
CA ASN B 362 7.14 11.09 -35.60
C ASN B 362 7.86 11.69 -34.40
N CYS B 363 7.23 11.60 -33.24
CA CYS B 363 7.84 12.05 -31.99
C CYS B 363 8.47 10.90 -31.21
N SER B 364 8.53 9.73 -31.84
CA SER B 364 8.95 8.52 -31.13
C SER B 364 10.44 8.56 -30.76
N GLY B 365 10.89 7.50 -30.10
CA GLY B 365 12.25 7.42 -29.60
C GLY B 365 13.32 7.40 -30.68
N GLU B 366 12.91 7.09 -31.90
CA GLU B 366 13.85 6.99 -33.02
C GLU B 366 14.05 8.32 -33.75
N ASN B 367 13.20 9.31 -33.45
CA ASN B 367 13.28 10.60 -34.12
C ASN B 367 14.27 11.54 -33.44
N VAL B 368 15.32 11.90 -34.18
CA VAL B 368 16.33 12.81 -33.68
C VAL B 368 16.18 14.23 -34.25
N CYS B 369 15.13 14.44 -35.05
CA CYS B 369 15.03 15.66 -35.84
C CYS B 369 13.92 16.60 -35.34
N PRO B 370 14.17 17.92 -35.43
CA PRO B 370 13.26 18.94 -34.90
C PRO B 370 11.89 18.94 -35.56
N THR B 371 10.85 18.83 -34.74
CA THR B 371 9.47 18.94 -35.20
C THR B 371 8.60 19.25 -33.99
N ALA B 372 7.40 19.76 -34.23
CA ALA B 372 6.50 20.09 -33.13
C ALA B 372 5.95 18.81 -32.53
N CYS B 373 6.24 18.59 -31.25
CA CYS B 373 5.90 17.34 -30.58
C CYS B 373 5.35 17.58 -29.18
N VAL B 374 4.22 16.95 -28.89
CA VAL B 374 3.78 16.77 -27.52
C VAL B 374 3.70 15.27 -27.24
N SER B 375 4.68 14.77 -26.51
CA SER B 375 4.90 13.33 -26.42
C SER B 375 5.74 12.99 -25.20
N GLY B 376 6.32 11.79 -25.21
CA GLY B 376 7.30 11.41 -24.21
C GLY B 376 6.66 10.89 -22.95
N VAL B 377 7.47 10.76 -21.90
CA VAL B 377 6.99 10.23 -20.62
C VAL B 377 7.95 10.71 -19.53
N TYR B 378 7.49 10.75 -18.29
CA TYR B 378 8.32 11.25 -17.19
C TYR B 378 9.16 10.10 -16.66
N LEU B 379 10.46 10.18 -16.90
CA LEU B 379 11.44 9.31 -16.25
C LEU B 379 12.63 10.14 -15.83
N ASP B 380 12.80 10.39 -14.54
CA ASP B 380 13.95 11.19 -14.10
C ASP B 380 15.10 10.29 -13.71
N PRO B 381 16.34 10.78 -13.88
CA PRO B 381 17.52 10.03 -13.45
C PRO B 381 18.04 10.46 -12.08
N TRP B 382 18.97 9.68 -11.54
CA TRP B 382 19.74 10.13 -10.39
C TRP B 382 21.22 10.08 -10.74
N PRO B 383 21.88 11.25 -10.75
CA PRO B 383 23.33 11.27 -11.01
C PRO B 383 24.12 10.63 -9.88
N LEU B 384 24.99 9.69 -10.21
CA LEU B 384 25.84 9.05 -9.21
C LEU B 384 27.16 9.79 -9.10
N THR B 385 27.40 10.67 -10.07
CA THR B 385 28.68 11.38 -10.17
C THR B 385 28.42 12.86 -10.47
N PRO B 386 29.34 13.73 -10.06
CA PRO B 386 29.27 15.11 -10.54
C PRO B 386 29.67 15.16 -12.01
N TYR B 387 29.14 16.12 -12.76
CA TYR B 387 29.58 16.29 -14.13
C TYR B 387 30.71 17.30 -14.16
N SER B 388 30.38 18.56 -13.88
CA SER B 388 31.39 19.61 -13.81
C SER B 388 31.82 19.86 -12.37
N HIS B 389 33.12 19.88 -12.15
CA HIS B 389 33.68 20.19 -10.85
C HIS B 389 34.66 21.34 -10.97
N GLN B 390 35.28 21.73 -9.87
CA GLN B 390 36.23 22.84 -9.86
C GLN B 390 37.41 22.55 -10.78
N SER B 391 37.84 21.29 -10.80
CA SER B 391 39.00 20.89 -11.59
C SER B 391 38.68 20.86 -13.09
N GLY B 392 37.47 20.42 -13.44
CA GLY B 392 37.09 20.27 -14.84
C GLY B 392 35.78 19.55 -15.03
N ILE B 393 35.64 18.90 -16.18
CA ILE B 393 34.43 18.15 -16.51
C ILE B 393 34.69 16.64 -16.43
N ASN B 394 33.75 15.92 -15.84
CA ASN B 394 33.87 14.47 -15.70
C ASN B 394 33.22 13.73 -16.86
N ARG B 395 34.04 13.12 -17.70
CA ARG B 395 33.54 12.35 -18.84
C ARG B 395 33.02 11.01 -18.37
N ASN B 396 33.39 10.63 -17.15
CA ASN B 396 33.01 9.35 -16.57
C ASN B 396 31.68 9.45 -15.82
N PHE B 397 30.95 10.52 -16.09
CA PHE B 397 29.63 10.75 -15.50
C PHE B 397 28.72 9.51 -15.58
N TYR B 398 28.12 9.14 -14.45
CA TYR B 398 27.19 8.01 -14.41
C TYR B 398 25.86 8.44 -13.80
N PHE B 399 24.77 7.85 -14.26
CA PHE B 399 23.47 8.11 -13.64
C PHE B 399 22.57 6.89 -13.72
N THR B 400 21.63 6.76 -12.79
CA THR B 400 20.79 5.57 -12.74
C THR B 400 19.32 5.93 -12.71
N GLY B 401 18.47 4.96 -13.05
CA GLY B 401 17.04 5.21 -13.04
C GLY B 401 16.24 4.05 -13.60
N ALA B 402 15.02 4.33 -14.03
CA ALA B 402 14.18 3.32 -14.66
C ALA B 402 13.63 3.82 -15.99
N LEU B 403 13.86 3.05 -17.05
CA LEU B 403 13.39 3.44 -18.36
C LEU B 403 12.27 2.52 -18.85
N LEU B 404 11.73 2.84 -20.02
CA LEU B 404 10.74 1.98 -20.65
C LEU B 404 11.35 1.46 -21.94
N ASN B 405 11.41 0.15 -22.10
CA ASN B 405 12.16 -0.41 -23.22
C ASN B 405 11.27 -0.53 -24.44
N SER B 406 11.31 0.50 -25.26
CA SER B 406 10.51 0.64 -26.49
C SER B 406 10.73 2.05 -27.02
N SER B 407 10.54 2.23 -28.31
CA SER B 407 10.61 3.56 -28.89
C SER B 407 9.23 4.15 -29.14
N THR B 408 8.20 3.34 -28.88
CA THR B 408 6.85 3.72 -29.25
C THR B 408 5.92 3.66 -28.05
N THR B 409 5.85 2.50 -27.40
CA THR B 409 4.88 2.25 -26.36
C THR B 409 5.50 2.35 -24.95
N ARG B 410 4.67 2.69 -23.97
CA ARG B 410 5.14 2.71 -22.59
C ARG B 410 4.99 1.31 -22.01
N VAL B 411 6.09 0.59 -21.95
CA VAL B 411 6.05 -0.84 -21.65
C VAL B 411 7.45 -1.28 -21.26
N ASN B 412 7.55 -2.43 -20.60
CA ASN B 412 8.82 -3.02 -20.19
C ASN B 412 9.67 -2.11 -19.31
N PRO B 413 9.23 -1.86 -18.07
CA PRO B 413 10.04 -1.05 -17.14
C PRO B 413 11.37 -1.74 -16.83
N THR B 414 12.46 -1.00 -16.93
CA THR B 414 13.79 -1.59 -16.77
C THR B 414 14.70 -0.70 -15.95
N LEU B 415 15.23 -1.25 -14.87
CA LEU B 415 16.20 -0.55 -14.04
C LEU B 415 17.49 -0.43 -14.82
N TYR B 416 18.21 0.67 -14.65
CA TYR B 416 19.42 0.88 -15.43
C TYR B 416 20.45 1.74 -14.71
N VAL B 417 21.71 1.46 -15.01
CA VAL B 417 22.79 2.42 -14.80
C VAL B 417 23.36 2.76 -16.17
N SER B 418 23.56 4.05 -16.41
CA SER B 418 23.96 4.55 -17.73
C SER B 418 25.14 5.50 -17.64
N ALA B 419 26.00 5.44 -18.66
CA ALA B 419 27.04 6.44 -18.86
C ALA B 419 26.50 7.54 -19.77
N LEU B 420 27.39 8.41 -20.24
CA LEU B 420 27.01 9.50 -21.13
C LEU B 420 26.54 9.00 -22.50
N ASN B 421 27.34 8.13 -23.13
CA ASN B 421 27.03 7.64 -24.46
C ASN B 421 26.31 6.30 -24.52
N ASN B 422 26.29 5.57 -23.41
CA ASN B 422 25.73 4.22 -23.42
C ASN B 422 25.33 3.68 -22.05
N LEU B 423 24.52 2.62 -22.05
CA LEU B 423 24.05 1.98 -20.84
C LEU B 423 25.08 1.05 -20.22
N LYS B 424 25.30 1.20 -18.92
CA LYS B 424 26.23 0.33 -18.20
C LYS B 424 25.59 -1.00 -17.80
N VAL B 425 24.37 -0.96 -17.26
CA VAL B 425 23.73 -2.21 -16.84
C VAL B 425 22.20 -2.09 -16.83
N LEU B 426 21.53 -3.23 -17.07
CA LEU B 426 20.08 -3.30 -17.20
C LEU B 426 19.47 -4.43 -16.36
N ALA B 427 18.41 -4.11 -15.64
CA ALA B 427 17.67 -5.08 -14.83
C ALA B 427 16.17 -4.86 -14.96
N PRO B 428 15.54 -5.58 -15.92
CA PRO B 428 14.10 -5.46 -16.15
C PRO B 428 13.28 -5.79 -14.91
N TYR B 429 12.18 -5.08 -14.70
CA TYR B 429 11.23 -5.46 -13.66
C TYR B 429 10.03 -6.12 -14.31
N GLY B 430 9.74 -7.35 -13.89
CA GLY B 430 8.63 -8.10 -14.46
C GLY B 430 8.97 -8.69 -15.81
N ASN B 431 7.96 -9.17 -16.52
CA ASN B 431 8.16 -9.78 -17.82
C ASN B 431 7.94 -8.81 -18.97
N GLN B 432 8.14 -9.28 -20.19
CA GLN B 432 7.88 -8.46 -21.37
C GLN B 432 6.38 -8.22 -21.52
N GLY B 433 6.04 -7.00 -21.91
CA GLY B 433 4.64 -6.64 -22.12
C GLY B 433 4.01 -5.96 -20.92
N LEU B 434 4.79 -5.78 -19.86
CA LEU B 434 4.29 -5.09 -18.67
C LEU B 434 4.23 -3.58 -18.92
N PHE B 435 3.04 -3.02 -18.75
CA PHE B 435 2.86 -1.59 -19.00
C PHE B 435 3.23 -0.75 -17.79
N ALA B 436 3.89 0.38 -18.06
CA ALA B 436 4.37 1.28 -17.02
C ALA B 436 4.45 2.69 -17.58
N SER B 437 4.34 3.72 -16.73
CA SER B 437 4.47 5.08 -17.23
C SER B 437 5.56 5.91 -16.55
N TYR B 438 5.24 6.53 -15.42
CA TYR B 438 6.17 7.47 -14.80
C TYR B 438 7.12 6.75 -13.88
N THR B 439 8.39 7.16 -13.90
CA THR B 439 9.37 6.63 -12.97
C THR B 439 10.18 7.78 -12.36
N THR B 440 10.44 7.69 -11.06
CA THR B 440 11.28 8.66 -10.37
C THR B 440 12.22 7.92 -9.42
N THR B 441 13.51 8.24 -9.51
CA THR B 441 14.55 7.48 -8.83
C THR B 441 15.33 8.32 -7.84
N THR B 442 15.61 7.76 -6.66
CA THR B 442 16.45 8.44 -5.67
C THR B 442 17.47 7.47 -5.08
N CYS B 443 18.73 7.89 -4.99
CA CYS B 443 19.77 7.05 -4.41
C CYS B 443 20.39 7.68 -3.17
N PHE B 444 20.81 6.83 -2.24
CA PHE B 444 21.44 7.30 -1.00
C PHE B 444 22.39 6.22 -0.47
N GLN B 445 23.25 6.60 0.46
CA GLN B 445 24.23 5.66 0.98
C GLN B 445 24.14 5.46 2.49
N ASP B 446 24.28 4.22 2.90
CA ASP B 446 24.42 3.86 4.31
C ASP B 446 25.87 4.15 4.69
N THR B 447 26.07 5.07 5.63
CA THR B 447 27.42 5.43 6.01
C THR B 447 27.99 4.44 7.01
N GLY B 448 27.15 3.55 7.52
CA GLY B 448 27.60 2.47 8.37
C GLY B 448 28.37 1.38 7.64
N ASP B 449 27.72 0.71 6.70
CA ASP B 449 28.34 -0.38 5.95
C ASP B 449 28.74 -0.02 4.51
N ALA B 450 28.55 1.24 4.14
CA ALA B 450 28.91 1.78 2.81
C ALA B 450 27.95 1.34 1.70
N SER B 451 26.92 0.56 2.04
CA SER B 451 25.93 0.12 1.07
C SER B 451 25.26 1.28 0.34
N VAL B 452 25.06 1.12 -0.96
CA VAL B 452 24.39 2.12 -1.78
C VAL B 452 23.02 1.61 -2.19
N TYR B 453 21.99 2.36 -1.83
CA TYR B 453 20.62 1.97 -2.16
C TYR B 453 20.00 2.92 -3.18
N CYS B 454 19.22 2.34 -4.09
CA CYS B 454 18.44 3.12 -5.04
C CYS B 454 16.99 2.71 -4.97
N VAL B 455 16.11 3.70 -4.83
CA VAL B 455 14.67 3.45 -4.87
C VAL B 455 14.14 3.95 -6.21
N TYR B 456 13.51 3.02 -6.94
CA TYR B 456 12.90 3.31 -8.21
C TYR B 456 11.39 3.25 -8.04
N ILE B 457 10.76 4.42 -8.08
CA ILE B 457 9.33 4.52 -7.91
C ILE B 457 8.67 4.58 -9.28
N MET B 458 7.87 3.58 -9.63
CA MET B 458 7.29 3.58 -10.97
C MET B 458 5.82 3.18 -11.01
N GLU B 459 5.08 3.82 -11.91
CA GLU B 459 3.69 3.46 -12.17
C GLU B 459 3.67 2.19 -12.97
N LEU B 460 3.09 1.13 -12.42
CA LEU B 460 3.08 -0.16 -13.09
C LEU B 460 1.66 -0.66 -13.27
N ALA B 461 1.39 -1.30 -14.41
CA ALA B 461 0.05 -1.81 -14.69
C ALA B 461 -0.19 -3.09 -13.91
N SER B 462 -1.20 -3.06 -13.05
CA SER B 462 -1.55 -4.20 -12.21
C SER B 462 -2.83 -4.87 -12.69
N ASN B 463 -2.92 -6.17 -12.47
CA ASN B 463 -4.08 -6.94 -12.88
C ASN B 463 -5.27 -6.77 -11.96
N ILE B 464 -5.03 -6.66 -10.66
CA ILE B 464 -6.14 -6.56 -9.72
C ILE B 464 -6.54 -5.16 -9.26
N VAL B 465 -5.62 -4.20 -9.33
CA VAL B 465 -5.94 -2.86 -8.86
C VAL B 465 -6.33 -2.00 -10.07
N GLY B 466 -6.29 -0.67 -9.93
CA GLY B 466 -6.65 0.25 -10.99
C GLY B 466 -5.47 0.60 -11.86
N GLU B 467 -5.66 1.58 -12.74
CA GLU B 467 -4.59 2.06 -13.59
C GLU B 467 -3.43 2.60 -12.77
N PHE B 468 -2.41 1.75 -12.66
CA PHE B 468 -1.10 2.10 -12.10
C PHE B 468 -0.97 1.99 -10.60
N GLN B 469 -0.50 0.82 -10.18
CA GLN B 469 0.03 0.64 -8.85
C GLN B 469 1.41 1.28 -8.84
N ILE B 470 1.60 2.28 -7.98
CA ILE B 470 2.86 2.99 -7.92
C ILE B 470 3.79 2.26 -6.94
N LEU B 471 4.87 1.69 -7.49
CA LEU B 471 5.71 0.74 -6.77
C LEU B 471 7.09 1.33 -6.51
N PRO B 472 7.45 1.49 -5.22
CA PRO B 472 8.78 1.89 -4.77
C PRO B 472 9.74 0.70 -4.63
N VAL B 473 10.43 0.33 -5.70
CA VAL B 473 11.33 -0.81 -5.64
C VAL B 473 12.70 -0.40 -5.10
N LEU B 474 13.16 -1.09 -4.06
CA LEU B 474 14.44 -0.72 -3.45
C LEU B 474 15.51 -1.76 -3.76
N THR B 475 16.63 -1.32 -4.33
CA THR B 475 17.72 -2.24 -4.65
C THR B 475 19.03 -1.73 -4.08
N ARG B 476 19.97 -2.65 -3.88
CA ARG B 476 21.31 -2.29 -3.48
C ARG B 476 22.18 -2.24 -4.73
N LEU B 477 22.98 -1.18 -4.86
CA LEU B 477 23.79 -0.98 -6.05
C LEU B 477 25.25 -1.33 -5.81
N THR B 478 25.78 -2.26 -6.60
CA THR B 478 27.17 -2.68 -6.48
C THR B 478 28.07 -1.94 -7.48
N ILE B 479 29.09 -1.26 -6.95
CA ILE B 479 29.97 -0.44 -7.77
C ILE B 479 31.43 -0.91 -7.70
N THR B 480 32.01 -1.20 -8.85
CA THR B 480 33.41 -1.60 -8.92
C THR B 480 34.22 -0.65 -9.80
C1 NAG C . 1.44 4.75 26.98
C2 NAG C . 2.07 5.05 28.32
C3 NAG C . 1.84 3.91 29.29
C4 NAG C . 0.37 3.63 29.41
C5 NAG C . -0.20 3.32 28.04
C6 NAG C . -1.71 3.21 28.14
C7 NAG C . 4.06 6.51 28.30
C8 NAG C . 5.56 6.67 28.13
N2 NAG C . 3.48 5.22 28.17
O3 NAG C . 2.36 4.25 30.55
O4 NAG C . 0.18 2.54 30.29
O5 NAG C . 0.10 4.35 27.14
O6 NAG C . -2.09 2.73 29.41
O7 NAG C . 3.38 7.48 28.53
C1 NAG D . -19.80 -35.53 25.21
C2 NAG D . -20.03 -35.58 26.70
C3 NAG D . -19.77 -36.98 27.22
C4 NAG D . -20.60 -37.98 26.43
C5 NAG D . -20.29 -37.83 24.97
C6 NAG D . -21.14 -38.80 24.17
C7 NAG D . -19.60 -33.38 27.69
C8 NAG D . -18.66 -32.41 28.38
N2 NAG D . -19.15 -34.68 27.34
O3 NAG D . -20.13 -37.05 28.58
O4 NAG D . -20.28 -39.28 26.87
O5 NAG D . -20.58 -36.51 24.57
O6 NAG D . -20.86 -38.67 22.79
O7 NAG D . -20.75 -33.05 27.46
C1 NAG E . -24.57 -24.48 25.87
C2 NAG E . -25.83 -24.30 26.70
C3 NAG E . -26.85 -25.36 26.34
C4 NAG E . -27.08 -25.34 24.84
C5 NAG E . -25.76 -25.53 24.13
C6 NAG E . -25.98 -25.50 22.63
C7 NAG E . -25.35 -23.24 28.87
C8 NAG E . -25.01 -23.37 30.33
N2 NAG E . -25.50 -24.41 28.08
O3 NAG E . -28.04 -25.11 27.03
O4 NAG E . -27.98 -26.37 24.49
O5 NAG E . -24.88 -24.49 24.51
O6 NAG E . -24.88 -26.11 21.99
O7 NAG E . -25.48 -22.14 28.36
C1 NAG F . -19.36 -19.74 -9.51
C2 NAG F . -20.69 -19.22 -9.01
C3 NAG F . -21.83 -19.66 -9.92
C4 NAG F . -21.51 -19.24 -11.34
C5 NAG F . -20.21 -19.92 -11.74
C6 NAG F . -19.88 -19.55 -13.17
C7 NAG F . -20.78 -18.94 -6.54
C8 NAG F . -21.03 -19.53 -5.17
N2 NAG F . -20.93 -19.75 -7.70
O3 NAG F . -23.02 -19.03 -9.51
O4 NAG F . -22.54 -19.65 -12.20
O5 NAG F . -19.19 -19.46 -10.88
O6 NAG F . -18.52 -19.81 -13.41
O7 NAG F . -20.45 -17.78 -6.65
S SO4 G . -2.63 -21.95 4.57
O1 SO4 G . -1.88 -23.19 4.42
O2 SO4 G . -2.09 -21.18 5.68
O3 SO4 G . -2.52 -21.16 3.33
O4 SO4 G . -4.04 -22.26 4.82
C1 NAG H . 3.52 23.68 13.63
C2 NAG H . 3.06 24.81 14.54
C3 NAG H . 3.31 26.18 13.95
C4 NAG H . 4.74 26.29 13.51
C5 NAG H . 5.01 25.20 12.50
C6 NAG H . 6.46 25.29 12.05
C7 NAG H . 1.17 24.48 16.08
C8 NAG H . -0.31 24.31 16.31
N2 NAG H . 1.67 24.64 14.77
O3 NAG H . 3.04 27.16 14.91
O4 NAG H . 4.97 27.56 12.93
O5 NAG H . 4.81 23.94 13.11
O6 NAG H . 7.12 24.10 12.42
O7 NAG H . 1.94 24.48 17.03
C1 NAG I . 19.60 33.59 -27.64
C2 NAG I . 20.09 34.93 -27.08
C3 NAG I . 19.78 36.04 -28.08
C4 NAG I . 20.35 35.69 -29.44
C5 NAG I . 19.83 34.34 -29.87
C6 NAG I . 20.44 33.95 -31.20
C7 NAG I . 20.04 34.79 -24.63
C8 NAG I . 19.36 35.10 -23.31
N2 NAG I . 19.45 35.20 -25.86
O3 NAG I . 20.37 37.23 -27.62
O4 NAG I . 19.95 36.67 -30.38
O5 NAG I . 20.18 33.38 -28.89
O6 NAG I . 20.05 32.64 -31.52
O7 NAG I . 21.10 34.19 -24.63
C1 NAG J . 25.65 29.63 -18.05
C2 NAG J . 27.05 30.12 -17.72
C3 NAG J . 28.03 29.88 -18.85
C4 NAG J . 27.85 28.54 -19.52
C5 NAG J . 26.39 28.29 -19.81
C6 NAG J . 26.22 26.94 -20.47
C7 NAG J . 27.59 32.08 -16.33
C8 NAG J . 27.50 33.58 -16.10
N2 NAG J . 26.98 31.51 -17.48
O3 NAG J . 29.34 29.97 -18.32
O4 NAG J . 28.59 28.52 -20.73
O5 NAG J . 25.69 28.34 -18.61
O6 NAG J . 24.95 26.86 -21.06
O7 NAG J . 28.18 31.38 -15.54
C1 NAG K . 14.91 -4.31 -24.63
C2 NAG K . 16.33 -4.22 -24.12
C3 NAG K . 17.25 -5.08 -24.97
C4 NAG K . 16.73 -6.50 -25.00
C5 NAG K . 15.32 -6.49 -25.54
C6 NAG K . 14.78 -7.91 -25.49
C7 NAG K . 16.98 -2.11 -23.02
C8 NAG K . 17.47 -0.68 -23.13
N2 NAG K . 16.79 -2.88 -24.19
O3 NAG K . 18.55 -5.06 -24.41
O4 NAG K . 17.56 -7.29 -25.84
O5 NAG K . 14.51 -5.66 -24.74
O6 NAG K . 13.59 -7.99 -26.22
O7 NAG K . 16.75 -2.59 -21.93
S SO4 L . 0.84 11.67 -19.39
O1 SO4 L . 0.69 10.26 -19.04
O2 SO4 L . 2.23 11.95 -19.73
O3 SO4 L . 0.45 12.48 -18.23
O4 SO4 L . -0.01 11.99 -20.52
#